data_1E4R
#
_entry.id   1E4R
#
_cell.length_a   1.000
_cell.length_b   1.000
_cell.length_c   1.000
_cell.angle_alpha   90.00
_cell.angle_beta   90.00
_cell.angle_gamma   90.00
#
_symmetry.space_group_name_H-M   'P 1'
#
_entity_poly.entity_id   1
_entity_poly.type   'polypeptide(L)'
_entity_poly.pdbx_seq_one_letter_code
;NEPVSCIRNGGICQYRCIGLRHKIGTCGSPFKCCK
;
_entity_poly.pdbx_strand_id   A
#
# COMPACT_ATOMS: atom_id res chain seq x y z
N ASN A 1 6.32 3.90 -14.17
CA ASN A 1 6.79 2.61 -13.59
C ASN A 1 6.07 1.44 -14.25
N GLU A 2 6.80 0.53 -14.85
CA GLU A 2 6.16 -0.64 -15.51
C GLU A 2 5.34 -1.47 -14.51
N PRO A 3 5.88 -1.66 -13.33
CA PRO A 3 5.16 -2.46 -12.31
C PRO A 3 4.04 -1.64 -11.66
N VAL A 4 3.97 -0.38 -11.98
CA VAL A 4 2.89 0.47 -11.38
C VAL A 4 2.96 0.40 -9.86
N SER A 5 2.16 1.20 -9.19
CA SER A 5 2.18 1.19 -7.69
C SER A 5 1.64 -0.15 -7.17
N CYS A 6 1.64 -0.32 -5.88
CA CYS A 6 1.13 -1.59 -5.29
C CYS A 6 -0.35 -1.79 -5.63
N ILE A 7 -1.03 -0.73 -5.98
CA ILE A 7 -2.48 -0.86 -6.32
C ILE A 7 -2.68 -1.85 -7.46
N ARG A 8 -1.74 -1.94 -8.36
CA ARG A 8 -1.90 -2.90 -9.50
C ARG A 8 -2.13 -4.32 -8.98
N ASN A 9 -1.57 -4.65 -7.85
CA ASN A 9 -1.76 -6.02 -7.29
C ASN A 9 -3.22 -6.23 -6.90
N GLY A 10 -3.91 -5.19 -6.52
CA GLY A 10 -5.34 -5.33 -6.13
C GLY A 10 -5.49 -5.02 -4.64
N GLY A 11 -4.44 -4.60 -3.99
CA GLY A 11 -4.54 -4.29 -2.54
C GLY A 11 -5.11 -2.88 -2.37
N ILE A 12 -5.24 -2.43 -1.15
CA ILE A 12 -5.80 -1.06 -0.92
C ILE A 12 -4.71 -0.13 -0.37
N CYS A 13 -4.95 1.15 -0.38
CA CYS A 13 -3.92 2.09 0.16
C CYS A 13 -4.50 2.89 1.33
N GLN A 14 -3.65 3.34 2.22
CA GLN A 14 -4.14 4.13 3.38
C GLN A 14 -3.03 5.06 3.87
N TYR A 15 -3.38 6.14 4.51
CA TYR A 15 -2.33 7.08 5.01
C TYR A 15 -1.40 6.36 5.99
N ARG A 16 -1.93 5.48 6.78
CA ARG A 16 -1.07 4.74 7.75
C ARG A 16 -1.63 3.33 7.98
N CYS A 17 -0.79 2.39 8.32
CA CYS A 17 -1.28 1.00 8.55
C CYS A 17 -0.92 0.54 9.97
N ILE A 18 -1.69 -0.36 10.53
CA ILE A 18 -1.37 -0.86 11.89
C ILE A 18 -0.76 -2.27 11.82
N GLY A 19 -0.19 -2.73 12.88
CA GLY A 19 0.43 -4.09 12.86
C GLY A 19 -0.56 -5.10 12.29
N LEU A 20 -1.80 -5.01 12.70
CA LEU A 20 -2.82 -5.97 12.18
C LEU A 20 -2.78 -6.03 10.65
N ARG A 21 -2.51 -4.93 10.01
CA ARG A 21 -2.46 -4.92 8.52
C ARG A 21 -1.04 -5.23 8.04
N HIS A 22 -0.92 -5.83 6.88
CA HIS A 22 0.44 -6.16 6.35
C HIS A 22 0.76 -5.25 5.17
N LYS A 23 1.98 -4.81 5.05
CA LYS A 23 2.35 -3.91 3.92
C LYS A 23 3.47 -4.52 3.09
N ILE A 24 3.25 -4.71 1.82
CA ILE A 24 4.31 -5.29 0.95
C ILE A 24 4.97 -4.18 0.12
N GLY A 25 4.44 -2.99 0.21
CA GLY A 25 5.03 -1.85 -0.55
C GLY A 25 4.26 -0.57 -0.24
N THR A 26 4.57 0.50 -0.92
CA THR A 26 3.84 1.78 -0.64
C THR A 26 2.95 2.15 -1.84
N CYS A 27 1.66 2.09 -1.67
CA CYS A 27 0.74 2.43 -2.79
C CYS A 27 1.09 3.83 -3.33
N GLY A 28 1.23 4.77 -2.45
CA GLY A 28 1.57 6.16 -2.87
C GLY A 28 2.38 6.83 -1.78
N SER A 29 2.49 8.14 -1.81
CA SER A 29 3.27 8.82 -0.73
C SER A 29 2.36 9.18 0.44
N PRO A 30 1.18 9.67 0.13
CA PRO A 30 0.24 10.03 1.21
C PRO A 30 -0.50 8.77 1.66
N PHE A 31 -0.11 7.62 1.18
CA PHE A 31 -0.79 6.36 1.59
C PHE A 31 0.19 5.18 1.51
N LYS A 32 -0.20 4.05 2.05
CA LYS A 32 0.69 2.86 1.99
C LYS A 32 -0.10 1.65 1.49
N CYS A 33 0.55 0.66 0.96
CA CYS A 33 -0.18 -0.54 0.47
C CYS A 33 -0.44 -1.52 1.61
N CYS A 34 -1.68 -1.80 1.91
CA CYS A 34 -1.98 -2.74 3.02
C CYS A 34 -3.24 -3.56 2.70
N LYS A 35 -3.39 -4.70 3.30
CA LYS A 35 -4.59 -5.54 3.02
C LYS A 35 -5.21 -6.02 4.34
N ASN A 1 5.06 3.07 -16.10
CA ASN A 1 5.69 3.47 -14.82
C ASN A 1 6.62 2.38 -14.31
N GLU A 2 7.87 2.69 -14.13
CA GLU A 2 8.83 1.66 -13.64
C GLU A 2 8.41 1.13 -12.26
N PRO A 3 8.00 2.01 -11.39
CA PRO A 3 7.56 1.58 -10.04
C PRO A 3 6.19 0.91 -10.09
N VAL A 4 5.52 1.01 -11.21
CA VAL A 4 4.18 0.37 -11.33
C VAL A 4 3.28 0.79 -10.16
N SER A 5 2.03 0.42 -10.20
CA SER A 5 1.10 0.79 -9.08
C SER A 5 0.82 -0.44 -8.21
N CYS A 6 0.98 -0.30 -6.92
CA CYS A 6 0.72 -1.46 -6.02
C CYS A 6 -0.74 -1.90 -6.10
N ILE A 7 -1.64 -1.00 -6.35
CA ILE A 7 -3.08 -1.38 -6.45
C ILE A 7 -3.28 -2.39 -7.58
N ARG A 8 -2.31 -2.55 -8.43
CA ARG A 8 -2.46 -3.53 -9.55
C ARG A 8 -2.56 -4.95 -8.99
N ASN A 9 -1.87 -5.23 -7.91
CA ASN A 9 -1.93 -6.59 -7.32
C ASN A 9 -3.34 -6.87 -6.78
N GLY A 10 -4.06 -5.84 -6.43
CA GLY A 10 -5.44 -6.04 -5.90
C GLY A 10 -5.54 -5.48 -4.48
N GLY A 11 -4.46 -4.97 -3.96
CA GLY A 11 -4.51 -4.40 -2.57
C GLY A 11 -5.01 -2.95 -2.62
N ILE A 12 -5.04 -2.30 -1.49
CA ILE A 12 -5.52 -0.89 -1.45
C ILE A 12 -4.49 -0.01 -0.74
N CYS A 13 -4.59 1.28 -0.89
CA CYS A 13 -3.62 2.19 -0.22
C CYS A 13 -4.26 2.84 1.01
N GLN A 14 -3.47 3.22 1.97
CA GLN A 14 -4.05 3.87 3.19
C GLN A 14 -3.03 4.85 3.78
N TYR A 15 -3.51 5.88 4.43
CA TYR A 15 -2.57 6.88 5.03
C TYR A 15 -1.57 6.19 5.95
N ARG A 16 -2.05 5.29 6.77
CA ARG A 16 -1.13 4.56 7.69
C ARG A 16 -1.67 3.17 7.99
N CYS A 17 -0.80 2.20 8.11
CA CYS A 17 -1.27 0.80 8.40
C CYS A 17 -0.88 0.41 9.82
N ILE A 18 -1.63 -0.48 10.43
CA ILE A 18 -1.30 -0.91 11.81
C ILE A 18 -0.64 -2.29 11.80
N GLY A 19 -0.23 -2.77 12.94
CA GLY A 19 0.42 -4.11 12.99
C GLY A 19 -0.55 -5.18 12.47
N LEU A 20 -1.82 -5.00 12.72
CA LEU A 20 -2.82 -6.00 12.24
C LEU A 20 -2.77 -6.10 10.71
N ARG A 21 -2.52 -5.01 10.05
CA ARG A 21 -2.47 -5.04 8.55
C ARG A 21 -1.01 -5.09 8.09
N HIS A 22 -0.75 -5.72 6.98
CA HIS A 22 0.65 -5.82 6.47
C HIS A 22 0.83 -4.91 5.25
N LYS A 23 1.90 -4.16 5.21
CA LYS A 23 2.13 -3.25 4.04
C LYS A 23 3.08 -3.92 3.04
N ILE A 24 2.55 -4.35 1.92
CA ILE A 24 3.43 -5.00 0.90
C ILE A 24 4.36 -3.96 0.27
N GLY A 25 3.90 -2.75 0.14
CA GLY A 25 4.76 -1.69 -0.46
C GLY A 25 4.14 -0.31 -0.18
N THR A 26 4.68 0.72 -0.76
CA THR A 26 4.12 2.09 -0.51
C THR A 26 3.31 2.55 -1.72
N CYS A 27 2.01 2.44 -1.67
CA CYS A 27 1.17 2.88 -2.82
C CYS A 27 1.54 4.32 -3.21
N GLY A 28 1.70 5.16 -2.24
CA GLY A 28 2.07 6.58 -2.52
C GLY A 28 2.79 7.15 -1.31
N SER A 29 2.90 8.45 -1.22
CA SER A 29 3.60 9.04 -0.04
C SER A 29 2.59 9.32 1.09
N PRO A 30 1.44 9.83 0.72
CA PRO A 30 0.41 10.11 1.73
C PRO A 30 -0.36 8.83 2.06
N PHE A 31 0.08 7.72 1.54
CA PHE A 31 -0.62 6.43 1.83
C PHE A 31 0.35 5.25 1.71
N LYS A 32 -0.07 4.09 2.11
CA LYS A 32 0.80 2.88 2.02
C LYS A 32 0.02 1.73 1.41
N CYS A 33 0.69 0.77 0.82
CA CYS A 33 -0.03 -0.38 0.22
C CYS A 33 -0.31 -1.44 1.28
N CYS A 34 -1.56 -1.65 1.59
CA CYS A 34 -1.92 -2.68 2.61
C CYS A 34 -3.14 -3.47 2.17
N LYS A 35 -3.18 -4.74 2.44
CA LYS A 35 -4.36 -5.57 2.03
C LYS A 35 -4.98 -6.24 3.26
N ASN A 1 9.17 2.12 -6.14
CA ASN A 1 8.30 1.62 -7.24
C ASN A 1 7.58 2.79 -7.91
N GLU A 2 8.30 3.69 -8.52
CA GLU A 2 7.67 4.86 -9.18
C GLU A 2 7.00 4.45 -10.52
N PRO A 3 7.64 3.58 -11.26
CA PRO A 3 7.08 3.15 -12.55
C PRO A 3 5.93 2.15 -12.34
N VAL A 4 5.80 1.61 -11.16
CA VAL A 4 4.69 0.65 -10.90
C VAL A 4 4.02 0.95 -9.55
N SER A 5 2.74 0.71 -9.46
CA SER A 5 2.03 0.99 -8.18
C SER A 5 1.51 -0.32 -7.57
N CYS A 6 1.52 -0.44 -6.28
CA CYS A 6 1.02 -1.69 -5.63
C CYS A 6 -0.46 -1.89 -5.94
N ILE A 7 -1.18 -0.82 -6.14
CA ILE A 7 -2.64 -0.94 -6.43
C ILE A 7 -2.86 -1.91 -7.59
N ARG A 8 -1.92 -2.02 -8.48
CA ARG A 8 -2.08 -2.95 -9.63
C ARG A 8 -2.35 -4.38 -9.13
N ASN A 9 -1.81 -4.73 -8.00
CA ASN A 9 -2.04 -6.11 -7.47
C ASN A 9 -3.50 -6.30 -7.07
N GLY A 10 -4.15 -5.24 -6.66
CA GLY A 10 -5.58 -5.35 -6.27
C GLY A 10 -5.72 -5.03 -4.78
N GLY A 11 -4.68 -4.56 -4.16
CA GLY A 11 -4.76 -4.22 -2.70
C GLY A 11 -5.29 -2.80 -2.54
N ILE A 12 -5.37 -2.32 -1.32
CA ILE A 12 -5.88 -0.93 -1.12
C ILE A 12 -4.77 -0.07 -0.50
N CYS A 13 -4.92 1.23 -0.57
CA CYS A 13 -3.87 2.12 0.02
C CYS A 13 -4.43 2.87 1.23
N GLN A 14 -3.57 3.28 2.12
CA GLN A 14 -4.04 4.03 3.33
C GLN A 14 -2.90 4.92 3.84
N TYR A 15 -3.23 5.97 4.55
CA TYR A 15 -2.17 6.87 5.08
C TYR A 15 -1.21 6.09 5.97
N ARG A 16 -1.72 5.26 6.83
CA ARG A 16 -0.83 4.45 7.72
C ARG A 16 -1.45 3.08 7.98
N CYS A 17 -0.63 2.09 8.20
CA CYS A 17 -1.17 0.72 8.47
C CYS A 17 -0.70 0.23 9.84
N ILE A 18 -1.62 -0.17 10.68
CA ILE A 18 -1.23 -0.66 12.04
C ILE A 18 -1.96 -1.96 12.37
N GLY A 19 -1.52 -2.66 13.36
CA GLY A 19 -2.20 -3.94 13.74
C GLY A 19 -1.61 -5.09 12.91
N LEU A 20 -2.23 -6.24 12.97
CA LEU A 20 -1.71 -7.40 12.19
C LEU A 20 -1.49 -7.01 10.73
N ARG A 21 -2.27 -6.08 10.22
CA ARG A 21 -2.11 -5.65 8.81
C ARG A 21 -0.65 -5.25 8.53
N HIS A 22 -0.19 -5.45 7.32
CA HIS A 22 1.21 -5.07 7.00
C HIS A 22 1.25 -4.34 5.65
N LYS A 23 2.33 -3.68 5.36
CA LYS A 23 2.43 -2.94 4.06
C LYS A 23 3.47 -3.59 3.14
N ILE A 24 3.04 -4.39 2.22
CA ILE A 24 4.01 -5.05 1.29
C ILE A 24 4.78 -3.98 0.52
N GLY A 25 4.10 -2.99 0.03
CA GLY A 25 4.78 -1.92 -0.75
C GLY A 25 4.12 -0.56 -0.44
N THR A 26 4.52 0.47 -1.13
CA THR A 26 3.93 1.81 -0.87
C THR A 26 3.02 2.22 -2.04
N CYS A 27 1.73 2.17 -1.86
CA CYS A 27 0.80 2.56 -2.95
C CYS A 27 1.12 3.98 -3.42
N GLY A 28 1.34 4.86 -2.49
CA GLY A 28 1.65 6.27 -2.84
C GLY A 28 2.50 6.88 -1.73
N SER A 29 2.66 8.17 -1.73
CA SER A 29 3.47 8.81 -0.66
C SER A 29 2.58 9.13 0.54
N PRO A 30 1.41 9.64 0.27
CA PRO A 30 0.48 9.97 1.36
C PRO A 30 -0.29 8.71 1.77
N PHE A 31 0.08 7.58 1.23
CA PHE A 31 -0.62 6.31 1.59
C PHE A 31 0.32 5.12 1.45
N LYS A 32 -0.10 3.97 1.91
CA LYS A 32 0.76 2.77 1.81
C LYS A 32 -0.07 1.59 1.30
N CYS A 33 0.57 0.61 0.70
CA CYS A 33 -0.21 -0.56 0.19
C CYS A 33 -0.44 -1.57 1.31
N CYS A 34 -1.67 -1.88 1.60
CA CYS A 34 -1.95 -2.86 2.69
C CYS A 34 -3.15 -3.75 2.31
N LYS A 35 -3.07 -5.02 2.59
CA LYS A 35 -4.20 -5.93 2.25
C LYS A 35 -4.92 -6.39 3.52
N ASN A 1 3.55 -5.20 -4.54
CA ASN A 1 4.95 -5.50 -4.92
C ASN A 1 5.75 -4.20 -5.05
N GLU A 2 6.93 -4.16 -4.49
CA GLU A 2 7.76 -2.92 -4.58
C GLU A 2 8.08 -2.57 -6.03
N PRO A 3 8.39 -3.56 -6.83
CA PRO A 3 8.74 -3.30 -8.25
C PRO A 3 7.48 -2.99 -9.06
N VAL A 4 6.33 -3.04 -8.45
CA VAL A 4 5.06 -2.75 -9.19
C VAL A 4 4.15 -1.86 -8.34
N SER A 5 3.07 -1.39 -8.91
CA SER A 5 2.14 -0.53 -8.13
C SER A 5 1.25 -1.39 -7.24
N CYS A 6 1.05 -0.98 -6.01
CA CYS A 6 0.19 -1.78 -5.08
C CYS A 6 -1.24 -1.90 -5.64
N ILE A 7 -1.76 -0.84 -6.18
CA ILE A 7 -3.14 -0.91 -6.74
C ILE A 7 -3.20 -1.92 -7.89
N ARG A 8 -2.13 -2.05 -8.62
CA ARG A 8 -2.12 -3.01 -9.76
C ARG A 8 -2.48 -4.42 -9.28
N ASN A 9 -2.04 -4.78 -8.10
CA ASN A 9 -2.35 -6.13 -7.57
C ASN A 9 -3.78 -6.18 -7.05
N GLY A 10 -4.44 -5.05 -6.95
CA GLY A 10 -5.84 -5.03 -6.45
C GLY A 10 -5.83 -4.82 -4.93
N GLY A 11 -4.69 -4.56 -4.35
CA GLY A 11 -4.63 -4.34 -2.88
C GLY A 11 -5.20 -2.96 -2.56
N ILE A 12 -5.09 -2.54 -1.32
CA ILE A 12 -5.63 -1.20 -0.95
C ILE A 12 -4.52 -0.33 -0.38
N CYS A 13 -4.78 0.94 -0.19
CA CYS A 13 -3.74 1.83 0.37
C CYS A 13 -4.35 2.73 1.44
N GLN A 14 -3.54 3.19 2.34
CA GLN A 14 -4.05 4.07 3.43
C GLN A 14 -2.92 4.99 3.93
N TYR A 15 -3.27 6.11 4.51
CA TYR A 15 -2.21 7.03 5.02
C TYR A 15 -1.25 6.27 5.94
N ARG A 16 -1.75 5.32 6.68
CA ARG A 16 -0.86 4.55 7.58
C ARG A 16 -1.42 3.14 7.80
N CYS A 17 -0.64 2.24 8.32
CA CYS A 17 -1.14 0.86 8.55
C CYS A 17 -0.66 0.34 9.92
N ILE A 18 -1.55 -0.14 10.73
CA ILE A 18 -1.15 -0.66 12.06
C ILE A 18 -1.96 -1.90 12.43
N GLY A 19 -1.56 -2.62 13.44
CA GLY A 19 -2.33 -3.84 13.84
C GLY A 19 -1.84 -5.04 13.03
N LEU A 20 -2.69 -5.99 12.79
CA LEU A 20 -2.27 -7.19 12.00
C LEU A 20 -1.98 -6.78 10.55
N ARG A 21 -2.50 -5.66 10.14
CA ARG A 21 -2.26 -5.21 8.73
C ARG A 21 -0.77 -5.16 8.43
N HIS A 22 -0.39 -5.51 7.23
CA HIS A 22 1.06 -5.49 6.87
C HIS A 22 1.26 -4.70 5.57
N LYS A 23 2.46 -4.27 5.31
CA LYS A 23 2.71 -3.49 4.05
C LYS A 23 3.80 -4.17 3.22
N ILE A 24 3.52 -4.45 1.98
CA ILE A 24 4.54 -5.11 1.11
C ILE A 24 5.24 -4.06 0.24
N GLY A 25 4.74 -2.86 0.23
CA GLY A 25 5.39 -1.79 -0.59
C GLY A 25 4.72 -0.45 -0.31
N THR A 26 5.04 0.56 -1.06
CA THR A 26 4.42 1.89 -0.82
C THR A 26 3.44 2.24 -1.96
N CYS A 27 2.17 2.19 -1.68
CA CYS A 27 1.17 2.51 -2.75
C CYS A 27 1.39 3.94 -3.24
N GLY A 28 1.71 4.84 -2.36
CA GLY A 28 1.95 6.26 -2.77
C GLY A 28 2.56 7.01 -1.60
N SER A 29 2.55 8.32 -1.63
CA SER A 29 3.14 9.09 -0.50
C SER A 29 2.06 9.36 0.55
N PRO A 30 0.88 9.70 0.11
CA PRO A 30 -0.22 9.95 1.06
C PRO A 30 -0.86 8.62 1.45
N PHE A 31 -0.27 7.52 1.07
CA PHE A 31 -0.84 6.19 1.41
C PHE A 31 0.26 5.12 1.41
N LYS A 32 -0.07 3.94 1.85
CA LYS A 32 0.92 2.82 1.86
C LYS A 32 0.26 1.55 1.33
N CYS A 33 1.03 0.61 0.86
CA CYS A 33 0.42 -0.65 0.34
C CYS A 33 0.00 -1.55 1.49
N CYS A 34 -1.26 -1.88 1.58
CA CYS A 34 -1.71 -2.75 2.70
C CYS A 34 -2.88 -3.64 2.24
N LYS A 35 -3.01 -4.81 2.83
CA LYS A 35 -4.13 -5.71 2.43
C LYS A 35 -5.14 -5.82 3.57
N ASN A 1 7.77 -4.77 -9.69
CA ASN A 1 7.39 -3.53 -8.95
C ASN A 1 6.53 -3.88 -7.74
N GLU A 2 7.04 -4.71 -6.86
CA GLU A 2 6.26 -5.09 -5.65
C GLU A 2 6.14 -3.90 -4.67
N PRO A 3 7.21 -3.17 -4.52
CA PRO A 3 7.18 -2.02 -3.58
C PRO A 3 6.45 -0.82 -4.20
N VAL A 4 6.02 -0.95 -5.43
CA VAL A 4 5.28 0.18 -6.08
C VAL A 4 4.07 -0.36 -6.84
N SER A 5 3.23 0.51 -7.33
CA SER A 5 2.02 0.06 -8.07
C SER A 5 1.20 -0.92 -7.22
N CYS A 6 0.85 -0.52 -6.03
CA CYS A 6 0.05 -1.43 -5.15
C CYS A 6 -1.32 -1.71 -5.79
N ILE A 7 -1.92 -0.72 -6.38
CA ILE A 7 -3.25 -0.94 -7.02
C ILE A 7 -3.17 -2.07 -8.05
N ARG A 8 -2.02 -2.26 -8.64
CA ARG A 8 -1.87 -3.34 -9.66
C ARG A 8 -2.09 -4.71 -9.00
N ASN A 9 -1.56 -4.91 -7.84
CA ASN A 9 -1.72 -6.22 -7.15
C ASN A 9 -3.20 -6.43 -6.76
N GLY A 10 -3.93 -5.37 -6.58
CA GLY A 10 -5.37 -5.51 -6.22
C GLY A 10 -5.56 -5.15 -4.75
N GLY A 11 -4.60 -4.50 -4.15
CA GLY A 11 -4.74 -4.12 -2.71
C GLY A 11 -5.27 -2.70 -2.60
N ILE A 12 -5.38 -2.18 -1.40
CA ILE A 12 -5.88 -0.79 -1.23
C ILE A 12 -4.82 0.06 -0.54
N CYS A 13 -4.81 1.34 -0.80
CA CYS A 13 -3.78 2.22 -0.16
C CYS A 13 -4.42 2.99 1.01
N GLN A 14 -3.63 3.36 1.97
CA GLN A 14 -4.18 4.12 3.13
C GLN A 14 -3.06 4.95 3.78
N TYR A 15 -3.41 6.02 4.43
CA TYR A 15 -2.38 6.89 5.06
C TYR A 15 -1.49 6.07 6.01
N ARG A 16 -2.04 5.09 6.66
CA ARG A 16 -1.24 4.26 7.59
C ARG A 16 -1.89 2.89 7.79
N CYS A 17 -1.18 1.94 8.31
CA CYS A 17 -1.76 0.59 8.53
C CYS A 17 -1.42 0.09 9.93
N ILE A 18 -2.41 -0.33 10.68
CA ILE A 18 -2.15 -0.84 12.06
C ILE A 18 -1.18 -2.02 12.02
N GLY A 19 -0.56 -2.33 13.12
CA GLY A 19 0.39 -3.48 13.15
C GLY A 19 -0.31 -4.73 12.62
N LEU A 20 -1.57 -4.89 12.90
CA LEU A 20 -2.30 -6.09 12.41
C LEU A 20 -2.24 -6.17 10.88
N ARG A 21 -2.12 -5.05 10.21
CA ARG A 21 -2.06 -5.08 8.73
C ARG A 21 -0.64 -4.78 8.25
N HIS A 22 -0.12 -5.60 7.37
CA HIS A 22 1.26 -5.36 6.86
C HIS A 22 1.19 -4.83 5.43
N LYS A 23 2.19 -4.09 5.01
CA LYS A 23 2.16 -3.54 3.62
C LYS A 23 3.35 -4.07 2.82
N ILE A 24 3.08 -4.68 1.69
CA ILE A 24 4.20 -5.20 0.86
C ILE A 24 5.01 -4.05 0.28
N GLY A 25 4.36 -2.96 -0.04
CA GLY A 25 5.08 -1.79 -0.61
C GLY A 25 4.33 -0.51 -0.25
N THR A 26 4.70 0.59 -0.84
CA THR A 26 4.01 1.87 -0.53
C THR A 26 3.20 2.34 -1.74
N CYS A 27 1.91 2.13 -1.73
CA CYS A 27 1.07 2.57 -2.87
C CYS A 27 1.46 3.99 -3.29
N GLY A 28 1.51 4.89 -2.34
CA GLY A 28 1.90 6.30 -2.66
C GLY A 28 2.68 6.86 -1.47
N SER A 29 2.85 8.14 -1.40
CA SER A 29 3.61 8.72 -0.25
C SER A 29 2.66 9.01 0.90
N PRO A 30 1.54 9.59 0.59
CA PRO A 30 0.54 9.89 1.63
C PRO A 30 -0.27 8.64 1.97
N PHE A 31 0.12 7.51 1.44
CA PHE A 31 -0.62 6.24 1.74
C PHE A 31 0.33 5.05 1.71
N LYS A 32 -0.13 3.91 2.14
CA LYS A 32 0.74 2.69 2.12
C LYS A 32 -0.05 1.52 1.48
N CYS A 33 0.65 0.53 1.00
CA CYS A 33 -0.06 -0.62 0.36
C CYS A 33 -0.50 -1.64 1.44
N CYS A 34 -1.77 -1.83 1.61
CA CYS A 34 -2.25 -2.80 2.64
C CYS A 34 -3.49 -3.55 2.12
N LYS A 35 -3.49 -4.84 2.21
CA LYS A 35 -4.66 -5.62 1.73
C LYS A 35 -5.83 -5.48 2.70
N ASN A 1 8.45 -0.16 -1.41
CA ASN A 1 8.39 -0.52 -2.86
C ASN A 1 9.08 0.56 -3.69
N GLU A 2 10.19 0.24 -4.30
CA GLU A 2 10.91 1.25 -5.13
C GLU A 2 10.03 1.73 -6.29
N PRO A 3 9.36 0.81 -6.93
CA PRO A 3 8.50 1.18 -8.09
C PRO A 3 7.20 1.82 -7.59
N VAL A 4 6.99 1.85 -6.30
CA VAL A 4 5.74 2.45 -5.76
C VAL A 4 4.54 2.12 -6.64
N SER A 5 3.48 2.86 -6.50
CA SER A 5 2.27 2.59 -7.32
C SER A 5 1.72 1.20 -7.04
N CYS A 6 1.59 0.84 -5.79
CA CYS A 6 1.06 -0.51 -5.43
C CYS A 6 -0.45 -0.56 -5.65
N ILE A 7 -0.91 -1.44 -6.49
CA ILE A 7 -2.37 -1.55 -6.74
C ILE A 7 -2.69 -2.72 -7.68
N ARG A 8 -1.77 -3.06 -8.55
CA ARG A 8 -2.03 -4.21 -9.47
C ARG A 8 -2.34 -5.45 -8.66
N ASN A 9 -1.78 -5.56 -7.49
CA ASN A 9 -2.02 -6.76 -6.63
C ASN A 9 -3.49 -6.79 -6.19
N GLY A 10 -4.11 -5.65 -6.06
CA GLY A 10 -5.54 -5.62 -5.64
C GLY A 10 -5.63 -5.11 -4.20
N GLY A 11 -4.54 -4.60 -3.67
CA GLY A 11 -4.56 -4.09 -2.27
C GLY A 11 -5.08 -2.64 -2.26
N ILE A 12 -5.32 -2.10 -1.12
CA ILE A 12 -5.83 -0.70 -1.04
C ILE A 12 -4.76 0.21 -0.43
N CYS A 13 -4.89 1.49 -0.62
CA CYS A 13 -3.87 2.43 -0.04
C CYS A 13 -4.45 3.13 1.19
N GLN A 14 -3.61 3.55 2.09
CA GLN A 14 -4.10 4.25 3.31
C GLN A 14 -2.99 5.16 3.87
N TYR A 15 -3.35 6.20 4.56
CA TYR A 15 -2.30 7.12 5.10
C TYR A 15 -1.36 6.35 6.04
N ARG A 16 -1.89 5.46 6.82
CA ARG A 16 -1.02 4.67 7.75
C ARG A 16 -1.55 3.24 7.90
N CYS A 17 -0.67 2.29 8.08
CA CYS A 17 -1.11 0.88 8.22
C CYS A 17 -0.92 0.39 9.66
N ILE A 18 -1.67 -0.60 10.07
CA ILE A 18 -1.52 -1.12 11.46
C ILE A 18 -0.90 -2.51 11.44
N GLY A 19 -0.40 -2.96 12.56
CA GLY A 19 0.24 -4.31 12.61
C GLY A 19 -0.74 -5.35 12.06
N LEU A 20 -2.01 -5.20 12.33
CA LEU A 20 -3.00 -6.18 11.81
C LEU A 20 -2.90 -6.29 10.29
N ARG A 21 -2.60 -5.21 9.62
CA ARG A 21 -2.48 -5.25 8.14
C ARG A 21 -1.01 -5.29 7.73
N HIS A 22 -0.64 -6.23 6.88
CA HIS A 22 0.78 -6.32 6.45
C HIS A 22 1.02 -5.43 5.23
N LYS A 23 1.98 -4.55 5.31
CA LYS A 23 2.27 -3.66 4.15
C LYS A 23 3.44 -4.22 3.33
N ILE A 24 3.19 -4.56 2.09
CA ILE A 24 4.29 -5.12 1.25
C ILE A 24 4.89 -4.02 0.37
N GLY A 25 4.39 -2.81 0.48
CA GLY A 25 4.94 -1.71 -0.36
C GLY A 25 4.19 -0.41 -0.04
N THR A 26 4.44 0.62 -0.79
CA THR A 26 3.75 1.91 -0.53
C THR A 26 2.92 2.34 -1.75
N CYS A 27 1.62 2.31 -1.64
CA CYS A 27 0.77 2.71 -2.81
C CYS A 27 1.18 4.10 -3.30
N GLY A 28 1.21 5.04 -2.41
CA GLY A 28 1.61 6.42 -2.80
C GLY A 28 2.45 7.03 -1.67
N SER A 29 2.65 8.32 -1.68
CA SER A 29 3.45 8.94 -0.59
C SER A 29 2.54 9.29 0.59
N PRO A 30 1.38 9.81 0.29
CA PRO A 30 0.43 10.16 1.36
C PRO A 30 -0.33 8.91 1.80
N PHE A 31 0.05 7.77 1.31
CA PHE A 31 -0.65 6.51 1.70
C PHE A 31 0.29 5.31 1.61
N LYS A 32 -0.14 4.18 2.10
CA LYS A 32 0.72 2.96 2.05
C LYS A 32 -0.08 1.81 1.44
N CYS A 33 0.58 0.82 0.90
CA CYS A 33 -0.16 -0.32 0.29
C CYS A 33 -0.38 -1.42 1.32
N CYS A 34 -1.62 -1.72 1.63
CA CYS A 34 -1.89 -2.78 2.64
C CYS A 34 -3.02 -3.70 2.16
N LYS A 35 -2.82 -4.98 2.23
CA LYS A 35 -3.86 -5.93 1.78
C LYS A 35 -4.11 -7.00 2.85
N ASN A 1 3.91 10.31 -10.02
CA ASN A 1 4.68 9.31 -9.22
C ASN A 1 5.58 8.47 -10.12
N GLU A 2 6.86 8.44 -9.84
CA GLU A 2 7.78 7.64 -10.70
C GLU A 2 7.41 6.15 -10.65
N PRO A 3 7.10 5.66 -9.46
CA PRO A 3 6.73 4.23 -9.32
C PRO A 3 5.30 3.99 -9.82
N VAL A 4 4.65 2.97 -9.34
CA VAL A 4 3.26 2.69 -9.79
C VAL A 4 2.35 2.45 -8.58
N SER A 5 1.06 2.43 -8.79
CA SER A 5 0.12 2.20 -7.65
C SER A 5 0.07 0.72 -7.30
N CYS A 6 -0.24 0.41 -6.07
CA CYS A 6 -0.32 -1.02 -5.65
C CYS A 6 -1.72 -1.58 -5.91
N ILE A 7 -2.53 -0.84 -6.61
CA ILE A 7 -3.91 -1.32 -6.90
C ILE A 7 -3.87 -2.56 -7.80
N ARG A 8 -2.90 -2.62 -8.68
CA ARG A 8 -2.78 -3.80 -9.58
C ARG A 8 -2.80 -5.11 -8.77
N ASN A 9 -2.19 -5.10 -7.63
CA ASN A 9 -2.17 -6.33 -6.79
C ASN A 9 -3.55 -6.58 -6.19
N GLY A 10 -4.46 -5.67 -6.37
CA GLY A 10 -5.82 -5.86 -5.81
C GLY A 10 -5.84 -5.48 -4.33
N GLY A 11 -4.81 -4.82 -3.87
CA GLY A 11 -4.75 -4.42 -2.44
C GLY A 11 -5.25 -2.98 -2.29
N ILE A 12 -5.09 -2.41 -1.12
CA ILE A 12 -5.54 -1.01 -0.90
C ILE A 12 -4.44 -0.22 -0.21
N CYS A 13 -4.61 1.07 -0.07
CA CYS A 13 -3.53 1.87 0.59
C CYS A 13 -4.12 2.89 1.56
N GLN A 14 -3.32 3.34 2.49
CA GLN A 14 -3.78 4.35 3.49
C GLN A 14 -2.56 5.08 4.05
N TYR A 15 -2.73 6.30 4.50
CA TYR A 15 -1.56 7.05 5.04
C TYR A 15 -0.72 6.15 5.96
N ARG A 16 -1.37 5.44 6.85
CA ARG A 16 -0.62 4.54 7.77
C ARG A 16 -1.35 3.21 7.91
N CYS A 17 -0.63 2.13 8.07
CA CYS A 17 -1.29 0.80 8.20
C CYS A 17 -1.12 0.25 9.63
N ILE A 18 -2.18 -0.19 10.24
CA ILE A 18 -2.07 -0.74 11.62
C ILE A 18 -2.84 -2.07 11.73
N GLY A 19 -2.59 -2.82 12.76
CA GLY A 19 -3.30 -4.11 12.92
C GLY A 19 -2.44 -5.24 12.34
N LEU A 20 -3.03 -6.37 12.06
CA LEU A 20 -2.24 -7.51 11.51
C LEU A 20 -1.81 -7.19 10.07
N ARG A 21 -2.53 -6.34 9.40
CA ARG A 21 -2.16 -5.99 7.99
C ARG A 21 -0.74 -5.44 7.94
N HIS A 22 -0.01 -5.77 6.90
CA HIS A 22 1.39 -5.28 6.79
C HIS A 22 1.55 -4.43 5.52
N LYS A 23 2.57 -3.62 5.45
CA LYS A 23 2.77 -2.77 4.24
C LYS A 23 3.81 -3.39 3.32
N ILE A 24 3.39 -4.09 2.31
CA ILE A 24 4.36 -4.73 1.37
C ILE A 24 5.10 -3.64 0.58
N GLY A 25 4.50 -2.51 0.40
CA GLY A 25 5.16 -1.42 -0.37
C GLY A 25 4.43 -0.10 -0.12
N THR A 26 4.74 0.92 -0.87
CA THR A 26 4.07 2.23 -0.67
C THR A 26 3.38 2.69 -1.96
N CYS A 27 2.08 2.70 -1.99
CA CYS A 27 1.36 3.14 -3.23
C CYS A 27 1.77 4.57 -3.57
N GLY A 28 1.83 5.41 -2.58
CA GLY A 28 2.22 6.83 -2.81
C GLY A 28 2.82 7.39 -1.52
N SER A 29 2.88 8.68 -1.39
CA SER A 29 3.45 9.27 -0.14
C SER A 29 2.34 9.39 0.92
N PRO A 30 1.18 9.82 0.50
CA PRO A 30 0.06 9.96 1.44
C PRO A 30 -0.61 8.61 1.66
N PHE A 31 -0.03 7.55 1.15
CA PHE A 31 -0.64 6.21 1.32
C PHE A 31 0.43 5.11 1.35
N LYS A 32 0.03 3.88 1.52
CA LYS A 32 1.01 2.75 1.55
C LYS A 32 0.35 1.50 0.97
N CYS A 33 1.11 0.51 0.58
CA CYS A 33 0.48 -0.73 0.03
C CYS A 33 0.19 -1.71 1.16
N CYS A 34 -1.06 -1.92 1.48
CA CYS A 34 -1.40 -2.87 2.58
C CYS A 34 -2.59 -3.74 2.18
N LYS A 35 -2.65 -4.94 2.69
CA LYS A 35 -3.79 -5.84 2.34
C LYS A 35 -4.44 -6.39 3.61
N ASN A 1 5.53 6.83 -4.80
CA ASN A 1 4.98 6.68 -6.18
C ASN A 1 3.63 7.39 -6.30
N GLU A 2 3.64 8.70 -6.24
CA GLU A 2 2.36 9.46 -6.34
C GLU A 2 1.69 9.23 -7.71
N PRO A 3 2.47 9.27 -8.76
CA PRO A 3 1.91 9.08 -10.11
C PRO A 3 1.53 7.61 -10.35
N VAL A 4 1.86 6.75 -9.42
CA VAL A 4 1.51 5.32 -9.58
C VAL A 4 0.83 4.80 -8.31
N SER A 5 0.32 3.59 -8.35
CA SER A 5 -0.35 3.02 -7.15
C SER A 5 -0.12 1.52 -7.07
N CYS A 6 -0.23 0.95 -5.90
CA CYS A 6 -0.01 -0.53 -5.77
C CYS A 6 -1.36 -1.26 -5.82
N ILE A 7 -2.39 -0.59 -6.23
CA ILE A 7 -3.74 -1.24 -6.30
C ILE A 7 -3.73 -2.31 -7.40
N ARG A 8 -2.90 -2.15 -8.39
CA ARG A 8 -2.86 -3.16 -9.49
C ARG A 8 -2.76 -4.58 -8.93
N ASN A 9 -2.10 -4.72 -7.81
CA ASN A 9 -1.97 -6.08 -7.20
C ASN A 9 -3.31 -6.58 -6.67
N GLY A 10 -4.21 -5.68 -6.37
CA GLY A 10 -5.54 -6.11 -5.85
C GLY A 10 -5.67 -5.69 -4.38
N GLY A 11 -4.63 -5.11 -3.82
CA GLY A 11 -4.70 -4.69 -2.40
C GLY A 11 -5.19 -3.24 -2.32
N ILE A 12 -5.09 -2.63 -1.16
CA ILE A 12 -5.55 -1.22 -1.02
C ILE A 12 -4.48 -0.40 -0.31
N CYS A 13 -4.63 0.90 -0.27
CA CYS A 13 -3.61 1.74 0.42
C CYS A 13 -4.28 2.79 1.29
N GLN A 14 -3.57 3.31 2.26
CA GLN A 14 -4.15 4.34 3.15
C GLN A 14 -3.04 5.21 3.75
N TYR A 15 -3.38 6.29 4.39
CA TYR A 15 -2.34 7.17 4.99
C TYR A 15 -1.47 6.39 5.98
N ARG A 16 -2.06 5.49 6.73
CA ARG A 16 -1.25 4.70 7.72
C ARG A 16 -1.81 3.28 7.84
N CYS A 17 -0.98 2.34 8.22
CA CYS A 17 -1.46 0.93 8.37
C CYS A 17 -1.19 0.45 9.81
N ILE A 18 -1.85 -0.60 10.22
CA ILE A 18 -1.63 -1.12 11.61
C ILE A 18 -0.97 -2.50 11.56
N GLY A 19 -0.59 -3.03 12.70
CA GLY A 19 0.05 -4.37 12.72
C GLY A 19 -0.88 -5.40 12.08
N LEU A 20 -2.16 -5.24 12.25
CA LEU A 20 -3.12 -6.19 11.65
C LEU A 20 -2.96 -6.23 10.13
N ARG A 21 -2.63 -5.12 9.54
CA ARG A 21 -2.45 -5.09 8.06
C ARG A 21 -0.96 -5.13 7.71
N HIS A 22 -0.58 -5.95 6.77
CA HIS A 22 0.86 -6.03 6.37
C HIS A 22 1.17 -5.01 5.29
N LYS A 23 2.14 -4.16 5.50
CA LYS A 23 2.49 -3.14 4.48
C LYS A 23 3.51 -3.72 3.50
N ILE A 24 3.06 -4.32 2.44
CA ILE A 24 4.01 -4.91 1.44
C ILE A 24 4.84 -3.81 0.78
N GLY A 25 4.28 -2.64 0.64
CA GLY A 25 5.03 -1.53 0.00
C GLY A 25 4.26 -0.22 0.18
N THR A 26 4.69 0.83 -0.47
CA THR A 26 3.99 2.13 -0.35
C THR A 26 3.39 2.56 -1.70
N CYS A 27 2.11 2.41 -1.86
CA CYS A 27 1.47 2.81 -3.14
C CYS A 27 1.94 4.22 -3.53
N GLY A 28 1.87 5.12 -2.60
CA GLY A 28 2.32 6.52 -2.89
C GLY A 28 2.94 7.10 -1.61
N SER A 29 3.02 8.40 -1.52
CA SER A 29 3.62 9.01 -0.31
C SER A 29 2.54 9.28 0.76
N PRO A 30 1.40 9.75 0.32
CA PRO A 30 0.30 10.02 1.26
C PRO A 30 -0.45 8.72 1.57
N PHE A 31 0.07 7.60 1.12
CA PHE A 31 -0.61 6.31 1.40
C PHE A 31 0.41 5.16 1.46
N LYS A 32 -0.03 4.00 1.87
CA LYS A 32 0.90 2.84 1.95
C LYS A 32 0.21 1.61 1.36
N CYS A 33 0.94 0.61 0.94
CA CYS A 33 0.27 -0.60 0.37
C CYS A 33 -0.04 -1.60 1.49
N CYS A 34 -1.28 -1.91 1.70
CA CYS A 34 -1.64 -2.88 2.78
C CYS A 34 -2.83 -3.74 2.35
N LYS A 35 -2.88 -4.97 2.79
CA LYS A 35 -4.02 -5.85 2.41
C LYS A 35 -4.87 -6.18 3.64
N ASN A 1 6.39 0.06 -4.34
CA ASN A 1 7.44 1.11 -4.48
C ASN A 1 6.99 2.19 -5.47
N GLU A 2 7.87 3.11 -5.78
CA GLU A 2 7.50 4.20 -6.73
C GLU A 2 7.26 3.66 -8.15
N PRO A 3 8.11 2.75 -8.57
CA PRO A 3 7.97 2.18 -9.93
C PRO A 3 6.79 1.20 -10.01
N VAL A 4 6.21 0.87 -8.89
CA VAL A 4 5.06 -0.07 -8.91
C VAL A 4 3.90 0.49 -8.08
N SER A 5 2.69 0.15 -8.42
CA SER A 5 1.53 0.66 -7.65
C SER A 5 0.84 -0.48 -6.89
N CYS A 6 0.50 -0.26 -5.66
CA CYS A 6 -0.17 -1.33 -4.86
C CYS A 6 -1.53 -1.67 -5.49
N ILE A 7 -2.25 -0.68 -5.93
CA ILE A 7 -3.59 -0.97 -6.55
C ILE A 7 -3.43 -1.93 -7.72
N ARG A 8 -2.34 -1.85 -8.45
CA ARG A 8 -2.14 -2.77 -9.60
C ARG A 8 -2.17 -4.22 -9.14
N ASN A 9 -1.66 -4.48 -7.96
CA ASN A 9 -1.65 -5.88 -7.45
C ASN A 9 -3.06 -6.26 -6.97
N GLY A 10 -3.86 -5.29 -6.64
CA GLY A 10 -5.24 -5.60 -6.16
C GLY A 10 -5.37 -5.23 -4.68
N GLY A 11 -4.33 -4.70 -4.10
CA GLY A 11 -4.40 -4.32 -2.65
C GLY A 11 -4.97 -2.91 -2.52
N ILE A 12 -5.08 -2.41 -1.32
CA ILE A 12 -5.62 -1.04 -1.14
C ILE A 12 -4.54 -0.11 -0.58
N CYS A 13 -4.82 1.17 -0.52
CA CYS A 13 -3.81 2.12 0.03
C CYS A 13 -4.40 2.92 1.18
N GLN A 14 -3.58 3.32 2.10
CA GLN A 14 -4.07 4.12 3.26
C GLN A 14 -2.95 5.01 3.79
N TYR A 15 -3.28 6.11 4.42
CA TYR A 15 -2.21 7.00 4.95
C TYR A 15 -1.31 6.24 5.93
N ARG A 16 -1.89 5.40 6.74
CA ARG A 16 -1.07 4.63 7.73
C ARG A 16 -1.65 3.23 7.93
N CYS A 17 -0.84 2.29 8.35
CA CYS A 17 -1.35 0.91 8.58
C CYS A 17 -0.96 0.43 9.99
N ILE A 18 -1.63 -0.57 10.49
CA ILE A 18 -1.30 -1.07 11.85
C ILE A 18 -0.66 -2.46 11.77
N GLY A 19 -0.16 -2.97 12.86
CA GLY A 19 0.47 -4.32 12.84
C GLY A 19 -0.52 -5.35 12.29
N LEU A 20 -1.78 -5.17 12.56
CA LEU A 20 -2.80 -6.14 12.05
C LEU A 20 -2.80 -6.15 10.52
N ARG A 21 -2.55 -5.03 9.91
CA ARG A 21 -2.54 -4.99 8.42
C ARG A 21 -1.09 -4.95 7.91
N HIS A 22 -0.67 -5.98 7.23
CA HIS A 22 0.74 -6.01 6.73
C HIS A 22 0.92 -4.96 5.61
N LYS A 23 2.12 -4.48 5.45
CA LYS A 23 2.37 -3.45 4.38
C LYS A 23 3.42 -3.97 3.40
N ILE A 24 3.01 -4.54 2.30
CA ILE A 24 4.00 -5.06 1.31
C ILE A 24 4.82 -3.93 0.71
N GLY A 25 4.27 -2.74 0.67
CA GLY A 25 5.02 -1.60 0.08
C GLY A 25 4.21 -0.31 0.25
N THR A 26 4.62 0.74 -0.42
CA THR A 26 3.87 2.02 -0.30
C THR A 26 3.06 2.30 -1.58
N CYS A 27 1.77 2.13 -1.52
CA CYS A 27 0.93 2.39 -2.72
C CYS A 27 1.26 3.77 -3.29
N GLY A 28 1.56 4.71 -2.44
CA GLY A 28 1.92 6.07 -2.91
C GLY A 28 2.64 6.80 -1.77
N SER A 29 2.70 8.11 -1.81
CA SER A 29 3.40 8.84 -0.72
C SER A 29 2.40 9.16 0.40
N PRO A 30 1.22 9.58 0.02
CA PRO A 30 0.20 9.90 1.03
C PRO A 30 -0.52 8.61 1.45
N PHE A 31 -0.02 7.48 1.03
CA PHE A 31 -0.67 6.19 1.41
C PHE A 31 0.35 5.04 1.41
N LYS A 32 -0.05 3.90 1.86
CA LYS A 32 0.87 2.72 1.90
C LYS A 32 0.12 1.49 1.36
N CYS A 33 0.83 0.48 0.94
CA CYS A 33 0.13 -0.74 0.41
C CYS A 33 -0.26 -1.66 1.56
N CYS A 34 -1.54 -1.88 1.76
CA CYS A 34 -1.96 -2.76 2.88
C CYS A 34 -3.20 -3.57 2.46
N LYS A 35 -3.42 -4.69 3.11
CA LYS A 35 -4.60 -5.53 2.77
C LYS A 35 -5.34 -5.95 4.04
N ASN A 1 1.25 8.98 -8.44
CA ASN A 1 2.39 9.79 -7.92
C ASN A 1 3.71 9.31 -8.55
N GLU A 2 4.81 9.78 -8.03
CA GLU A 2 6.12 9.34 -8.59
C GLU A 2 6.35 7.84 -8.37
N PRO A 3 6.01 7.35 -7.21
CA PRO A 3 6.21 5.91 -6.91
C PRO A 3 5.16 5.07 -7.65
N VAL A 4 4.87 3.91 -7.16
CA VAL A 4 3.86 3.04 -7.85
C VAL A 4 2.58 2.95 -7.03
N SER A 5 1.45 2.99 -7.68
CA SER A 5 0.15 2.91 -6.94
C SER A 5 0.06 1.56 -6.20
N CYS A 6 0.74 0.56 -6.69
CA CYS A 6 0.70 -0.77 -6.02
C CYS A 6 -0.76 -1.24 -5.87
N ILE A 7 -1.56 -1.04 -6.89
CA ILE A 7 -2.98 -1.48 -6.82
C ILE A 7 -3.22 -2.67 -7.75
N ARG A 8 -2.28 -2.96 -8.61
CA ARG A 8 -2.46 -4.12 -9.54
C ARG A 8 -2.70 -5.40 -8.76
N ASN A 9 -2.11 -5.52 -7.60
CA ASN A 9 -2.31 -6.76 -6.79
C ASN A 9 -3.75 -6.87 -6.31
N GLY A 10 -4.43 -5.76 -6.18
CA GLY A 10 -5.85 -5.81 -5.71
C GLY A 10 -5.90 -5.43 -4.23
N GLY A 11 -4.85 -4.89 -3.70
CA GLY A 11 -4.85 -4.50 -2.27
C GLY A 11 -5.32 -3.05 -2.13
N ILE A 12 -5.18 -2.49 -0.96
CA ILE A 12 -5.62 -1.08 -0.74
C ILE A 12 -4.48 -0.28 -0.09
N CYS A 13 -4.63 1.03 0.01
CA CYS A 13 -3.55 1.83 0.64
C CYS A 13 -4.11 2.89 1.60
N GLN A 14 -3.30 3.36 2.50
CA GLN A 14 -3.76 4.40 3.47
C GLN A 14 -2.54 5.13 4.04
N TYR A 15 -2.70 6.34 4.49
CA TYR A 15 -1.54 7.10 5.04
C TYR A 15 -0.70 6.19 5.95
N ARG A 16 -1.33 5.46 6.81
CA ARG A 16 -0.56 4.55 7.73
C ARG A 16 -1.29 3.21 7.87
N CYS A 17 -0.56 2.14 8.04
CA CYS A 17 -1.20 0.81 8.19
C CYS A 17 -0.98 0.27 9.60
N ILE A 18 -2.04 -0.10 10.28
CA ILE A 18 -1.88 -0.63 11.66
C ILE A 18 -2.66 -1.94 11.81
N GLY A 19 -2.37 -2.70 12.83
CA GLY A 19 -3.09 -3.99 13.02
C GLY A 19 -2.27 -5.13 12.41
N LEU A 20 -2.87 -6.28 12.26
CA LEU A 20 -2.12 -7.43 11.67
C LEU A 20 -1.83 -7.18 10.19
N ARG A 21 -2.58 -6.31 9.58
CA ARG A 21 -2.34 -6.02 8.13
C ARG A 21 -0.88 -5.60 7.91
N HIS A 22 -0.28 -6.08 6.85
CA HIS A 22 1.14 -5.71 6.58
C HIS A 22 1.21 -4.77 5.37
N LYS A 23 2.36 -4.21 5.11
CA LYS A 23 2.48 -3.30 3.94
C LYS A 23 3.45 -3.87 2.90
N ILE A 24 2.94 -4.23 1.75
CA ILE A 24 3.82 -4.78 0.69
C ILE A 24 4.72 -3.69 0.13
N GLY A 25 4.23 -2.48 0.12
CA GLY A 25 5.05 -1.35 -0.42
C GLY A 25 4.29 -0.04 -0.19
N THR A 26 4.70 1.02 -0.81
CA THR A 26 4.00 2.33 -0.62
C THR A 26 3.31 2.76 -1.92
N CYS A 27 2.00 2.73 -1.94
CA CYS A 27 1.26 3.16 -3.17
C CYS A 27 1.62 4.59 -3.52
N GLY A 28 1.52 5.48 -2.57
CA GLY A 28 1.86 6.90 -2.82
C GLY A 28 2.57 7.48 -1.60
N SER A 29 2.67 8.77 -1.51
CA SER A 29 3.34 9.37 -0.33
C SER A 29 2.34 9.53 0.82
N PRO A 30 1.15 9.96 0.49
CA PRO A 30 0.11 10.12 1.51
C PRO A 30 -0.55 8.77 1.82
N PHE A 31 -0.01 7.70 1.29
CA PHE A 31 -0.61 6.37 1.56
C PHE A 31 0.44 5.26 1.46
N LYS A 32 0.10 4.07 1.88
CA LYS A 32 1.04 2.93 1.81
C LYS A 32 0.30 1.72 1.24
N CYS A 33 0.99 0.74 0.72
CA CYS A 33 0.27 -0.45 0.16
C CYS A 33 0.08 -1.51 1.25
N CYS A 34 -1.13 -1.86 1.55
CA CYS A 34 -1.38 -2.89 2.60
C CYS A 34 -2.55 -3.79 2.21
N LYS A 35 -2.47 -5.05 2.50
CA LYS A 35 -3.59 -5.97 2.14
C LYS A 35 -3.82 -6.99 3.26
N ASN A 1 7.38 0.37 -7.41
CA ASN A 1 7.97 1.35 -8.37
C ASN A 1 6.89 2.32 -8.87
N GLU A 2 7.28 3.43 -9.42
CA GLU A 2 6.29 4.42 -9.92
C GLU A 2 5.43 3.83 -11.05
N PRO A 3 6.06 3.15 -11.98
CA PRO A 3 5.31 2.56 -13.12
C PRO A 3 4.44 1.39 -12.66
N VAL A 4 4.58 0.96 -11.43
CA VAL A 4 3.75 -0.18 -10.95
C VAL A 4 3.10 0.19 -9.61
N SER A 5 1.80 0.02 -9.50
CA SER A 5 1.13 0.36 -8.22
C SER A 5 0.58 -0.91 -7.55
N CYS A 6 0.50 -0.92 -6.25
CA CYS A 6 -0.02 -2.13 -5.56
C CYS A 6 -1.50 -2.34 -5.91
N ILE A 7 -2.18 -1.29 -6.30
CA ILE A 7 -3.62 -1.44 -6.66
C ILE A 7 -3.77 -2.44 -7.81
N ARG A 8 -2.88 -2.40 -8.76
CA ARG A 8 -2.96 -3.34 -9.92
C ARG A 8 -2.97 -4.78 -9.40
N ASN A 9 -2.20 -5.06 -8.39
CA ASN A 9 -2.16 -6.45 -7.83
C ASN A 9 -3.48 -6.77 -7.14
N GLY A 10 -4.16 -5.76 -6.65
CA GLY A 10 -5.46 -6.01 -5.96
C GLY A 10 -5.39 -5.54 -4.51
N GLY A 11 -4.33 -4.86 -4.15
CA GLY A 11 -4.20 -4.38 -2.75
C GLY A 11 -4.84 -2.99 -2.63
N ILE A 12 -4.78 -2.40 -1.48
CA ILE A 12 -5.38 -1.04 -1.29
C ILE A 12 -4.38 -0.13 -0.58
N CYS A 13 -4.57 1.17 -0.65
CA CYS A 13 -3.62 2.09 0.01
C CYS A 13 -4.31 2.83 1.16
N GLN A 14 -3.55 3.25 2.13
CA GLN A 14 -4.13 4.00 3.29
C GLN A 14 -3.08 4.95 3.86
N TYR A 15 -3.52 6.00 4.53
CA TYR A 15 -2.53 6.96 5.11
C TYR A 15 -1.54 6.23 6.01
N ARG A 16 -2.01 5.32 6.81
CA ARG A 16 -1.08 4.58 7.73
C ARG A 16 -1.55 3.13 7.89
N CYS A 17 -0.65 2.25 8.21
CA CYS A 17 -1.03 0.81 8.39
C CYS A 17 -0.64 0.34 9.79
N ILE A 18 -1.48 -0.42 10.43
CA ILE A 18 -1.15 -0.91 11.81
C ILE A 18 -0.70 -2.38 11.75
N GLY A 19 -0.19 -2.88 12.83
CA GLY A 19 0.27 -4.30 12.85
C GLY A 19 -0.81 -5.20 12.25
N LEU A 20 -2.04 -4.98 12.60
CA LEU A 20 -3.14 -5.82 12.04
C LEU A 20 -2.99 -5.96 10.53
N ARG A 21 -2.75 -4.87 9.84
CA ARG A 21 -2.59 -4.93 8.36
C ARG A 21 -1.12 -4.88 7.98
N HIS A 22 -0.67 -5.82 7.18
CA HIS A 22 0.77 -5.82 6.77
C HIS A 22 0.96 -4.98 5.51
N LYS A 23 1.97 -4.16 5.47
CA LYS A 23 2.19 -3.32 4.27
C LYS A 23 3.22 -4.00 3.35
N ILE A 24 2.82 -4.34 2.16
CA ILE A 24 3.77 -5.00 1.22
C ILE A 24 4.74 -3.98 0.64
N GLY A 25 4.32 -2.74 0.56
CA GLY A 25 5.21 -1.68 -0.01
C GLY A 25 4.60 -0.32 0.24
N THR A 26 4.95 0.64 -0.55
CA THR A 26 4.38 2.01 -0.37
C THR A 26 3.55 2.40 -1.60
N CYS A 27 2.26 2.53 -1.43
CA CYS A 27 1.38 2.90 -2.58
C CYS A 27 1.66 4.34 -3.01
N GLY A 28 2.07 5.16 -2.07
CA GLY A 28 2.36 6.58 -2.41
C GLY A 28 2.88 7.29 -1.16
N SER A 29 2.89 8.60 -1.15
CA SER A 29 3.37 9.32 0.05
C SER A 29 2.23 9.52 1.04
N PRO A 30 1.08 9.89 0.53
CA PRO A 30 -0.09 10.09 1.40
C PRO A 30 -0.74 8.74 1.71
N PHE A 31 -0.13 7.67 1.29
CA PHE A 31 -0.72 6.32 1.56
C PHE A 31 0.37 5.24 1.53
N LYS A 32 -0.01 4.02 1.83
CA LYS A 32 0.98 2.91 1.82
C LYS A 32 0.32 1.65 1.23
N CYS A 33 1.09 0.73 0.73
CA CYS A 33 0.49 -0.50 0.15
C CYS A 33 0.07 -1.45 1.28
N CYS A 34 -1.20 -1.59 1.52
CA CYS A 34 -1.66 -2.50 2.61
C CYS A 34 -2.94 -3.22 2.20
N LYS A 35 -3.02 -4.50 2.47
CA LYS A 35 -4.24 -5.26 2.09
C LYS A 35 -5.05 -5.62 3.34
N ASN A 1 6.85 0.53 -5.53
CA ASN A 1 7.51 0.79 -6.84
C ASN A 1 6.88 1.99 -7.53
N GLU A 2 7.66 2.98 -7.86
CA GLU A 2 7.11 4.19 -8.54
C GLU A 2 6.52 3.84 -9.91
N PRO A 3 7.21 3.00 -10.65
CA PRO A 3 6.72 2.63 -12.00
C PRO A 3 5.55 1.64 -11.89
N VAL A 4 5.26 1.16 -10.72
CA VAL A 4 4.13 0.20 -10.56
C VAL A 4 3.21 0.66 -9.43
N SER A 5 2.08 0.02 -9.27
CA SER A 5 1.14 0.42 -8.19
C SER A 5 0.57 -0.82 -7.50
N CYS A 6 0.60 -0.87 -6.20
CA CYS A 6 0.06 -2.06 -5.48
C CYS A 6 -1.42 -2.25 -5.80
N ILE A 7 -2.10 -1.19 -6.13
CA ILE A 7 -3.55 -1.32 -6.47
C ILE A 7 -3.74 -2.29 -7.63
N ARG A 8 -2.78 -2.36 -8.52
CA ARG A 8 -2.90 -3.29 -9.69
C ARG A 8 -2.99 -4.73 -9.19
N ASN A 9 -2.27 -5.06 -8.16
CA ASN A 9 -2.32 -6.45 -7.62
C ASN A 9 -3.68 -6.74 -7.00
N GLY A 10 -4.34 -5.73 -6.50
CA GLY A 10 -5.68 -5.94 -5.89
C GLY A 10 -5.66 -5.45 -4.44
N GLY A 11 -4.53 -4.99 -3.97
CA GLY A 11 -4.45 -4.49 -2.57
C GLY A 11 -5.01 -3.08 -2.49
N ILE A 12 -4.89 -2.44 -1.36
CA ILE A 12 -5.42 -1.05 -1.23
C ILE A 12 -4.35 -0.14 -0.61
N CYS A 13 -4.59 1.14 -0.60
CA CYS A 13 -3.59 2.07 0.00
C CYS A 13 -4.22 2.83 1.16
N GLN A 14 -3.42 3.22 2.12
CA GLN A 14 -3.94 3.98 3.28
C GLN A 14 -2.84 4.87 3.85
N TYR A 15 -3.21 5.95 4.48
CA TYR A 15 -2.17 6.87 5.05
C TYR A 15 -1.28 6.11 6.04
N ARG A 16 -1.86 5.24 6.82
CA ARG A 16 -1.05 4.47 7.82
C ARG A 16 -1.67 3.08 8.06
N CYS A 17 -0.86 2.08 8.22
CA CYS A 17 -1.41 0.71 8.47
C CYS A 17 -1.10 0.26 9.91
N ILE A 18 -1.93 -0.58 10.47
CA ILE A 18 -1.68 -1.05 11.86
C ILE A 18 -0.99 -2.41 11.84
N GLY A 19 -0.90 -3.06 12.97
CA GLY A 19 -0.24 -4.39 13.02
C GLY A 19 -1.08 -5.40 12.23
N LEU A 20 -2.37 -5.38 12.42
CA LEU A 20 -3.24 -6.34 11.68
C LEU A 20 -3.01 -6.22 10.18
N ARG A 21 -2.77 -5.02 9.70
CA ARG A 21 -2.53 -4.83 8.24
C ARG A 21 -1.03 -4.68 7.96
N HIS A 22 -0.49 -5.52 7.12
CA HIS A 22 0.97 -5.42 6.81
C HIS A 22 1.18 -4.57 5.55
N LYS A 23 2.23 -3.81 5.53
CA LYS A 23 2.50 -2.95 4.33
C LYS A 23 3.60 -3.58 3.46
N ILE A 24 3.24 -4.21 2.39
CA ILE A 24 4.28 -4.84 1.51
C ILE A 24 5.09 -3.75 0.80
N GLY A 25 4.54 -2.57 0.69
CA GLY A 25 5.26 -1.47 0.00
C GLY A 25 4.54 -0.15 0.24
N THR A 26 4.81 0.84 -0.57
CA THR A 26 4.13 2.15 -0.39
C THR A 26 3.31 2.50 -1.65
N CYS A 27 2.02 2.51 -1.54
CA CYS A 27 1.17 2.84 -2.72
C CYS A 27 1.53 4.25 -3.23
N GLY A 28 1.82 5.14 -2.32
CA GLY A 28 2.19 6.53 -2.72
C GLY A 28 2.82 7.21 -1.51
N SER A 29 2.76 8.52 -1.44
CA SER A 29 3.36 9.22 -0.28
C SER A 29 2.31 9.38 0.84
N PRO A 30 1.12 9.78 0.45
CA PRO A 30 0.04 9.95 1.43
C PRO A 30 -0.61 8.60 1.73
N PHE A 31 0.00 7.53 1.29
CA PHE A 31 -0.61 6.18 1.55
C PHE A 31 0.48 5.10 1.52
N LYS A 32 0.11 3.89 1.86
CA LYS A 32 1.09 2.76 1.84
C LYS A 32 0.43 1.53 1.21
N CYS A 33 1.21 0.60 0.75
CA CYS A 33 0.62 -0.62 0.12
C CYS A 33 0.13 -1.58 1.22
N CYS A 34 -1.16 -1.67 1.42
CA CYS A 34 -1.67 -2.60 2.46
C CYS A 34 -2.88 -3.38 1.93
N LYS A 35 -2.95 -4.65 2.23
CA LYS A 35 -4.10 -5.47 1.74
C LYS A 35 -5.28 -5.35 2.72
N ASN A 1 8.49 1.11 -4.25
CA ASN A 1 8.02 0.80 -5.63
C ASN A 1 7.14 1.94 -6.16
N GLU A 2 7.70 3.11 -6.24
CA GLU A 2 6.91 4.27 -6.75
C GLU A 2 6.50 4.08 -8.23
N PRO A 3 7.38 3.52 -9.02
CA PRO A 3 7.06 3.31 -10.45
C PRO A 3 6.05 2.17 -10.63
N VAL A 4 5.70 1.52 -9.56
CA VAL A 4 4.70 0.40 -9.67
C VAL A 4 3.46 0.72 -8.83
N SER A 5 2.44 -0.09 -8.92
CA SER A 5 1.21 0.19 -8.14
C SER A 5 0.77 -1.07 -7.37
N CYS A 6 0.26 -0.90 -6.18
CA CYS A 6 -0.18 -2.08 -5.39
C CYS A 6 -1.65 -2.40 -5.68
N ILE A 7 -2.28 -1.64 -6.53
CA ILE A 7 -3.72 -1.90 -6.84
C ILE A 7 -3.84 -3.10 -7.78
N ARG A 8 -2.84 -3.35 -8.57
CA ARG A 8 -2.89 -4.52 -9.50
C ARG A 8 -2.99 -5.82 -8.69
N ASN A 9 -2.38 -5.86 -7.54
CA ASN A 9 -2.44 -7.09 -6.71
C ASN A 9 -3.78 -7.18 -5.99
N GLY A 10 -4.57 -6.15 -6.05
CA GLY A 10 -5.90 -6.17 -5.37
C GLY A 10 -5.80 -5.43 -4.03
N GLY A 11 -4.63 -4.98 -3.68
CA GLY A 11 -4.48 -4.25 -2.39
C GLY A 11 -4.85 -2.78 -2.58
N ILE A 12 -4.92 -2.02 -1.52
CA ILE A 12 -5.29 -0.59 -1.65
C ILE A 12 -4.28 0.28 -0.89
N CYS A 13 -4.36 1.58 -1.05
CA CYS A 13 -3.41 2.47 -0.33
C CYS A 13 -4.11 3.13 0.85
N GLN A 14 -3.36 3.50 1.85
CA GLN A 14 -3.95 4.16 3.04
C GLN A 14 -2.92 5.08 3.70
N TYR A 15 -3.36 6.11 4.37
CA TYR A 15 -2.40 7.03 5.03
C TYR A 15 -1.55 6.27 6.05
N ARG A 16 -2.17 5.39 6.80
CA ARG A 16 -1.41 4.61 7.82
C ARG A 16 -2.04 3.23 7.98
N CYS A 17 -1.25 2.24 8.30
CA CYS A 17 -1.79 0.86 8.49
C CYS A 17 -1.52 0.36 9.90
N ILE A 18 -2.01 -0.80 10.25
CA ILE A 18 -1.76 -1.34 11.61
C ILE A 18 -1.06 -2.70 11.53
N GLY A 19 -0.70 -3.27 12.66
CA GLY A 19 -0.01 -4.58 12.65
C GLY A 19 -0.91 -5.63 11.98
N LEU A 20 -2.20 -5.48 12.10
CA LEU A 20 -3.13 -6.46 11.47
C LEU A 20 -2.90 -6.50 9.96
N ARG A 21 -2.64 -5.37 9.35
CA ARG A 21 -2.42 -5.34 7.88
C ARG A 21 -0.92 -5.16 7.58
N HIS A 22 -0.37 -6.02 6.75
CA HIS A 22 1.07 -5.89 6.41
C HIS A 22 1.26 -4.96 5.22
N LYS A 23 2.29 -4.16 5.24
CA LYS A 23 2.52 -3.21 4.10
C LYS A 23 3.46 -3.83 3.07
N ILE A 24 2.95 -4.23 1.95
CA ILE A 24 3.82 -4.84 0.90
C ILE A 24 4.77 -3.80 0.31
N GLY A 25 4.34 -2.57 0.25
CA GLY A 25 5.21 -1.50 -0.33
C GLY A 25 4.65 -0.13 0.02
N THR A 26 4.98 0.85 -0.76
CA THR A 26 4.46 2.22 -0.49
C THR A 26 3.69 2.74 -1.72
N CYS A 27 2.39 2.80 -1.62
CA CYS A 27 1.57 3.28 -2.77
C CYS A 27 1.91 4.72 -3.10
N GLY A 28 2.19 5.52 -2.10
CA GLY A 28 2.53 6.94 -2.35
C GLY A 28 3.08 7.55 -1.05
N SER A 29 3.12 8.85 -0.96
CA SER A 29 3.64 9.47 0.28
C SER A 29 2.51 9.67 1.30
N PRO A 30 1.39 10.12 0.81
CA PRO A 30 0.24 10.32 1.71
C PRO A 30 -0.48 8.99 1.93
N PHE A 31 0.08 7.93 1.43
CA PHE A 31 -0.58 6.60 1.62
C PHE A 31 0.47 5.48 1.58
N LYS A 32 0.07 4.29 1.93
CA LYS A 32 1.02 3.14 1.91
C LYS A 32 0.33 1.91 1.31
N CYS A 33 1.08 0.96 0.83
CA CYS A 33 0.46 -0.26 0.24
C CYS A 33 0.07 -1.21 1.36
N CYS A 34 -1.19 -1.55 1.47
CA CYS A 34 -1.61 -2.47 2.57
C CYS A 34 -2.73 -3.39 2.08
N LYS A 35 -2.64 -4.66 2.36
CA LYS A 35 -3.70 -5.61 1.91
C LYS A 35 -4.71 -5.83 3.05
N ASN A 1 5.52 7.27 -7.67
CA ASN A 1 4.21 6.59 -7.95
C ASN A 1 3.15 7.62 -8.34
N GLU A 2 3.38 8.35 -9.39
CA GLU A 2 2.38 9.37 -9.83
C GLU A 2 1.09 8.68 -10.32
N PRO A 3 1.25 7.61 -11.07
CA PRO A 3 0.08 6.88 -11.58
C PRO A 3 -0.53 6.00 -10.48
N VAL A 4 -1.22 4.95 -10.84
CA VAL A 4 -1.82 4.07 -9.80
C VAL A 4 -0.78 3.08 -9.26
N SER A 5 -0.73 2.89 -7.97
CA SER A 5 0.28 1.95 -7.39
C SER A 5 -0.40 0.96 -6.45
N CYS A 6 0.24 -0.14 -6.16
CA CYS A 6 -0.35 -1.14 -5.24
C CYS A 6 -1.73 -1.57 -5.75
N ILE A 7 -1.92 -1.57 -7.05
CA ILE A 7 -3.24 -1.97 -7.61
C ILE A 7 -3.10 -3.28 -8.39
N ARG A 8 -1.90 -3.73 -8.63
CA ARG A 8 -1.70 -4.99 -9.39
C ARG A 8 -2.25 -6.18 -8.59
N ASN A 9 -2.12 -6.14 -7.30
CA ASN A 9 -2.64 -7.26 -6.45
C ASN A 9 -4.03 -6.92 -5.92
N GLY A 10 -4.59 -5.81 -6.34
CA GLY A 10 -5.94 -5.43 -5.84
C GLY A 10 -5.84 -4.93 -4.40
N GLY A 11 -4.66 -4.56 -3.97
CA GLY A 11 -4.50 -4.07 -2.58
C GLY A 11 -5.02 -2.63 -2.48
N ILE A 12 -5.04 -2.07 -1.31
CA ILE A 12 -5.54 -0.68 -1.15
C ILE A 12 -4.45 0.21 -0.57
N CYS A 13 -4.66 1.50 -0.55
CA CYS A 13 -3.61 2.41 0.00
C CYS A 13 -4.17 3.16 1.22
N GLN A 14 -3.30 3.57 2.09
CA GLN A 14 -3.74 4.31 3.32
C GLN A 14 -2.56 5.08 3.90
N TYR A 15 -2.81 6.18 4.56
CA TYR A 15 -1.68 6.97 5.15
C TYR A 15 -0.84 6.10 6.06
N ARG A 16 -1.45 5.21 6.81
CA ARG A 16 -0.67 4.34 7.73
C ARG A 16 -1.33 2.96 7.81
N CYS A 17 -0.60 1.99 8.30
CA CYS A 17 -1.18 0.62 8.44
C CYS A 17 -0.72 -0.01 9.76
N ILE A 18 -1.65 -0.45 10.55
CA ILE A 18 -1.27 -1.06 11.87
C ILE A 18 -2.11 -2.31 12.13
N GLY A 19 -1.71 -3.12 13.07
CA GLY A 19 -2.49 -4.36 13.38
C GLY A 19 -2.02 -5.50 12.49
N LEU A 20 -2.86 -6.47 12.26
CA LEU A 20 -2.46 -7.63 11.40
C LEU A 20 -2.13 -7.14 9.99
N ARG A 21 -2.73 -6.06 9.57
CA ARG A 21 -2.46 -5.54 8.19
C ARG A 21 -0.96 -5.36 7.98
N HIS A 22 -0.45 -5.78 6.85
CA HIS A 22 1.00 -5.62 6.59
C HIS A 22 1.23 -4.62 5.46
N LYS A 23 2.38 -4.02 5.40
CA LYS A 23 2.66 -3.03 4.31
C LYS A 23 3.52 -3.67 3.23
N ILE A 24 2.96 -3.96 2.09
CA ILE A 24 3.74 -4.59 1.00
C ILE A 24 4.62 -3.54 0.31
N GLY A 25 4.14 -2.33 0.21
CA GLY A 25 4.95 -1.26 -0.44
C GLY A 25 4.28 0.10 -0.19
N THR A 26 4.74 1.12 -0.87
CA THR A 26 4.14 2.47 -0.68
C THR A 26 3.26 2.85 -1.86
N CYS A 27 1.97 2.69 -1.73
CA CYS A 27 1.06 3.05 -2.86
C CYS A 27 1.31 4.49 -3.29
N GLY A 28 1.52 5.36 -2.34
CA GLY A 28 1.78 6.79 -2.66
C GLY A 28 2.56 7.41 -1.51
N SER A 29 2.63 8.71 -1.46
CA SER A 29 3.38 9.35 -0.35
C SER A 29 2.44 9.56 0.84
N PRO A 30 1.25 10.01 0.56
CA PRO A 30 0.26 10.21 1.64
C PRO A 30 -0.41 8.88 2.00
N PHE A 31 0.08 7.79 1.43
CA PHE A 31 -0.54 6.47 1.74
C PHE A 31 0.50 5.35 1.58
N LYS A 32 0.16 4.17 2.00
CA LYS A 32 1.08 3.01 1.89
C LYS A 32 0.32 1.83 1.27
N CYS A 33 1.02 0.88 0.71
CA CYS A 33 0.31 -0.29 0.12
C CYS A 33 0.04 -1.35 1.19
N CYS A 34 -1.20 -1.69 1.40
CA CYS A 34 -1.51 -2.71 2.45
C CYS A 34 -2.59 -3.67 1.95
N LYS A 35 -2.47 -4.92 2.28
CA LYS A 35 -3.49 -5.91 1.82
C LYS A 35 -4.09 -6.65 3.02
N ASN A 1 6.39 -1.51 -7.17
CA ASN A 1 7.40 -0.84 -8.04
C ASN A 1 6.70 -0.13 -9.20
N GLU A 2 7.46 0.52 -10.05
CA GLU A 2 6.86 1.24 -11.21
C GLU A 2 6.15 0.28 -12.17
N PRO A 3 6.76 -0.85 -12.42
CA PRO A 3 6.16 -1.83 -13.36
C PRO A 3 4.99 -2.56 -12.72
N VAL A 4 4.67 -2.24 -11.49
CA VAL A 4 3.52 -2.93 -10.82
C VAL A 4 2.79 -1.96 -9.88
N SER A 5 1.51 -1.85 -10.01
CA SER A 5 0.74 -0.93 -9.12
C SER A 5 0.13 -1.73 -7.95
N CYS A 6 0.23 -1.22 -6.76
CA CYS A 6 -0.34 -1.96 -5.59
C CYS A 6 -1.86 -1.88 -5.62
N ILE A 7 -2.42 -0.86 -6.21
CA ILE A 7 -3.90 -0.74 -6.25
C ILE A 7 -4.48 -1.79 -7.20
N ARG A 8 -3.75 -2.16 -8.22
CA ARG A 8 -4.27 -3.18 -9.17
C ARG A 8 -4.40 -4.52 -8.47
N ASN A 9 -3.33 -5.00 -7.87
CA ASN A 9 -3.40 -6.32 -7.17
C ASN A 9 -2.56 -6.27 -5.90
N GLY A 10 -2.09 -5.12 -5.51
CA GLY A 10 -1.26 -5.03 -4.27
C GLY A 10 -2.17 -4.93 -3.05
N GLY A 11 -3.33 -4.36 -3.19
CA GLY A 11 -4.25 -4.24 -2.03
C GLY A 11 -4.74 -2.80 -1.90
N ILE A 12 -5.12 -2.43 -0.72
CA ILE A 12 -5.62 -1.04 -0.49
C ILE A 12 -4.48 -0.18 0.04
N CYS A 13 -4.68 1.11 0.12
CA CYS A 13 -3.60 1.99 0.63
C CYS A 13 -4.16 3.07 1.55
N GLN A 14 -3.36 3.55 2.45
CA GLN A 14 -3.84 4.61 3.38
C GLN A 14 -2.63 5.31 4.02
N TYR A 15 -2.80 6.52 4.48
CA TYR A 15 -1.67 7.25 5.10
C TYR A 15 -0.90 6.33 6.06
N ARG A 16 -1.59 5.49 6.76
CA ARG A 16 -0.91 4.56 7.70
C ARG A 16 -1.66 3.22 7.78
N CYS A 17 -0.96 2.14 7.97
CA CYS A 17 -1.64 0.81 8.06
C CYS A 17 -1.55 0.27 9.48
N ILE A 18 -2.65 -0.16 10.05
CA ILE A 18 -2.62 -0.70 11.44
C ILE A 18 -3.28 -2.06 11.49
N GLY A 19 -3.20 -2.75 12.60
CA GLY A 19 -3.83 -4.08 12.72
C GLY A 19 -2.81 -5.16 12.35
N LEU A 20 -3.27 -6.31 11.93
CA LEU A 20 -2.33 -7.40 11.55
C LEU A 20 -1.92 -7.27 10.09
N ARG A 21 -2.50 -6.34 9.38
CA ARG A 21 -2.14 -6.14 7.95
C ARG A 21 -0.67 -5.80 7.81
N HIS A 22 -0.06 -6.20 6.73
CA HIS A 22 1.39 -5.89 6.52
C HIS A 22 1.58 -5.04 5.26
N LYS A 23 2.49 -4.13 5.28
CA LYS A 23 2.72 -3.26 4.08
C LYS A 23 3.82 -3.86 3.20
N ILE A 24 3.51 -4.23 1.99
CA ILE A 24 4.54 -4.81 1.09
C ILE A 24 5.10 -3.73 0.16
N GLY A 25 4.51 -2.57 0.17
CA GLY A 25 5.00 -1.48 -0.71
C GLY A 25 4.24 -0.18 -0.40
N THR A 26 4.41 0.83 -1.21
CA THR A 26 3.69 2.11 -0.98
C THR A 26 3.00 2.57 -2.25
N CYS A 27 1.69 2.49 -2.30
CA CYS A 27 0.96 2.93 -3.53
C CYS A 27 1.39 4.35 -3.89
N GLY A 28 1.64 5.17 -2.91
CA GLY A 28 2.07 6.57 -3.18
C GLY A 28 2.78 7.10 -1.93
N SER A 29 2.87 8.39 -1.79
CA SER A 29 3.54 8.95 -0.59
C SER A 29 2.53 9.17 0.54
N PRO A 30 1.37 9.67 0.20
CA PRO A 30 0.33 9.90 1.22
C PRO A 30 -0.39 8.58 1.54
N PHE A 31 0.09 7.49 0.99
CA PHE A 31 -0.56 6.18 1.26
C PHE A 31 0.49 5.06 1.29
N LYS A 32 0.06 3.85 1.52
CA LYS A 32 1.00 2.70 1.56
C LYS A 32 0.33 1.47 0.95
N CYS A 33 1.05 0.42 0.71
CA CYS A 33 0.40 -0.79 0.12
C CYS A 33 0.04 -1.78 1.22
N CYS A 34 -1.23 -2.05 1.41
CA CYS A 34 -1.63 -3.01 2.48
C CYS A 34 -2.81 -3.87 2.00
N LYS A 35 -2.77 -5.14 2.28
CA LYS A 35 -3.89 -6.03 1.85
C LYS A 35 -4.65 -6.54 3.07
N ASN A 1 8.48 -1.46 -8.11
CA ASN A 1 9.29 -0.45 -8.85
C ASN A 1 8.40 0.62 -9.45
N GLU A 2 8.97 1.56 -10.15
CA GLU A 2 8.16 2.64 -10.77
C GLU A 2 7.19 2.09 -11.83
N PRO A 3 7.67 1.18 -12.65
CA PRO A 3 6.79 0.61 -13.71
C PRO A 3 5.75 -0.33 -13.12
N VAL A 4 5.84 -0.61 -11.85
CA VAL A 4 4.85 -1.53 -11.23
C VAL A 4 4.33 -0.93 -9.92
N SER A 5 3.04 -0.79 -9.80
CA SER A 5 2.46 -0.20 -8.55
C SER A 5 1.78 -1.28 -7.71
N CYS A 6 1.75 -1.13 -6.41
CA CYS A 6 1.10 -2.15 -5.56
C CYS A 6 -0.40 -2.24 -5.89
N ILE A 7 -0.95 -1.21 -6.46
CA ILE A 7 -2.41 -1.24 -6.81
C ILE A 7 -2.68 -2.38 -7.79
N ARG A 8 -1.75 -2.68 -8.65
CA ARG A 8 -1.97 -3.77 -9.64
C ARG A 8 -2.21 -5.10 -8.92
N ASN A 9 -1.59 -5.29 -7.80
CA ASN A 9 -1.79 -6.57 -7.05
C ASN A 9 -3.25 -6.71 -6.63
N GLY A 10 -3.96 -5.62 -6.50
CA GLY A 10 -5.39 -5.70 -6.10
C GLY A 10 -5.54 -5.24 -4.65
N GLY A 11 -4.53 -4.63 -4.09
CA GLY A 11 -4.62 -4.18 -2.68
C GLY A 11 -5.17 -2.74 -2.64
N ILE A 12 -5.17 -2.13 -1.49
CA ILE A 12 -5.69 -0.74 -1.38
C ILE A 12 -4.68 0.14 -0.65
N CYS A 13 -4.65 1.42 -0.94
CA CYS A 13 -3.68 2.31 -0.23
C CYS A 13 -4.32 2.89 1.03
N GLN A 14 -3.54 3.20 2.02
CA GLN A 14 -4.09 3.79 3.27
C GLN A 14 -3.09 4.79 3.87
N TYR A 15 -3.57 5.78 4.57
CA TYR A 15 -2.64 6.78 5.16
C TYR A 15 -1.66 6.09 6.12
N ARG A 16 -2.14 5.24 6.96
CA ARG A 16 -1.23 4.55 7.92
C ARG A 16 -1.77 3.15 8.24
N CYS A 17 -0.90 2.18 8.34
CA CYS A 17 -1.35 0.80 8.65
C CYS A 17 -0.78 0.35 10.00
N ILE A 18 -1.54 -0.38 10.76
CA ILE A 18 -1.05 -0.84 12.10
C ILE A 18 -0.35 -2.20 11.97
N GLY A 19 -0.06 -2.83 13.07
CA GLY A 19 0.61 -4.17 13.00
C GLY A 19 -0.39 -5.20 12.47
N LEU A 20 -1.65 -5.01 12.73
CA LEU A 20 -2.68 -5.96 12.24
C LEU A 20 -2.70 -5.96 10.71
N ARG A 21 -2.38 -4.85 10.10
CA ARG A 21 -2.40 -4.79 8.61
C ARG A 21 -0.98 -4.82 8.05
N HIS A 22 -0.72 -5.70 7.12
CA HIS A 22 0.65 -5.79 6.53
C HIS A 22 0.74 -4.95 5.24
N LYS A 23 1.85 -4.31 5.01
CA LYS A 23 1.99 -3.48 3.78
C LYS A 23 2.96 -4.14 2.79
N ILE A 24 2.47 -4.51 1.63
CA ILE A 24 3.38 -5.15 0.62
C ILE A 24 4.30 -4.11 0.01
N GLY A 25 3.81 -2.91 -0.16
CA GLY A 25 4.66 -1.83 -0.75
C GLY A 25 4.03 -0.47 -0.40
N THR A 26 4.53 0.59 -0.97
CA THR A 26 3.96 1.93 -0.68
C THR A 26 3.16 2.45 -1.87
N CYS A 27 1.85 2.40 -1.79
CA CYS A 27 1.01 2.89 -2.91
C CYS A 27 1.41 4.32 -3.27
N GLY A 28 1.53 5.16 -2.29
CA GLY A 28 1.92 6.58 -2.57
C GLY A 28 2.70 7.11 -1.36
N SER A 29 2.87 8.40 -1.29
CA SER A 29 3.61 8.98 -0.13
C SER A 29 2.66 9.28 1.02
N PRO A 30 1.51 9.83 0.70
CA PRO A 30 0.53 10.15 1.73
C PRO A 30 -0.28 8.89 2.09
N PHE A 31 0.10 7.77 1.55
CA PHE A 31 -0.64 6.50 1.87
C PHE A 31 0.29 5.30 1.74
N LYS A 32 -0.17 4.14 2.11
CA LYS A 32 0.65 2.91 2.01
C LYS A 32 -0.19 1.78 1.43
N CYS A 33 0.42 0.80 0.83
CA CYS A 33 -0.38 -0.32 0.25
C CYS A 33 -0.62 -1.41 1.30
N CYS A 34 -1.85 -1.61 1.68
CA CYS A 34 -2.16 -2.67 2.69
C CYS A 34 -3.33 -3.53 2.22
N LYS A 35 -3.32 -4.79 2.53
CA LYS A 35 -4.43 -5.69 2.08
C LYS A 35 -4.85 -6.64 3.21
N ASN A 1 4.34 -2.23 -17.85
CA ASN A 1 5.12 -1.29 -17.00
C ASN A 1 6.38 -1.97 -16.46
N GLU A 2 7.52 -1.42 -16.74
CA GLU A 2 8.80 -2.04 -16.25
C GLU A 2 8.81 -2.14 -14.72
N PRO A 3 8.35 -1.11 -14.05
CA PRO A 3 8.33 -1.11 -12.57
C PRO A 3 7.15 -1.95 -12.06
N VAL A 4 6.70 -1.68 -10.86
CA VAL A 4 5.55 -2.45 -10.31
C VAL A 4 4.87 -1.64 -9.19
N SER A 5 3.57 -1.79 -9.06
CA SER A 5 2.85 -1.02 -7.99
C SER A 5 2.02 -1.98 -7.14
N CYS A 6 1.92 -1.71 -5.86
CA CYS A 6 1.12 -2.61 -4.98
C CYS A 6 -0.33 -2.68 -5.45
N ILE A 7 -0.82 -1.60 -5.99
CA ILE A 7 -2.25 -1.59 -6.48
C ILE A 7 -2.46 -2.71 -7.50
N ARG A 8 -1.43 -3.12 -8.16
CA ARG A 8 -1.58 -4.21 -9.18
C ARG A 8 -2.14 -5.47 -8.54
N ASN A 9 -1.75 -5.75 -7.32
CA ASN A 9 -2.26 -6.97 -6.64
C ASN A 9 -3.76 -6.83 -6.34
N GLY A 10 -4.22 -5.64 -6.18
CA GLY A 10 -5.68 -5.43 -5.88
C GLY A 10 -5.83 -4.85 -4.48
N GLY A 11 -4.74 -4.48 -3.85
CA GLY A 11 -4.83 -3.91 -2.48
C GLY A 11 -5.24 -2.44 -2.56
N ILE A 12 -5.37 -1.79 -1.43
CA ILE A 12 -5.77 -0.35 -1.44
C ILE A 12 -4.73 0.49 -0.70
N CYS A 13 -4.70 1.77 -0.96
CA CYS A 13 -3.71 2.65 -0.27
C CYS A 13 -4.39 3.38 0.90
N GLN A 14 -3.64 3.77 1.89
CA GLN A 14 -4.24 4.49 3.05
C GLN A 14 -3.17 5.32 3.76
N TYR A 15 -3.56 6.36 4.43
CA TYR A 15 -2.55 7.20 5.15
C TYR A 15 -1.77 6.36 6.15
N ARG A 16 -2.46 5.61 6.97
CA ARG A 16 -1.76 4.77 7.98
C ARG A 16 -2.53 3.45 8.20
N CYS A 17 -1.83 2.40 8.55
CA CYS A 17 -2.50 1.10 8.78
C CYS A 17 -2.30 0.65 10.23
N ILE A 18 -2.85 -0.47 10.61
CA ILE A 18 -2.67 -0.95 12.01
C ILE A 18 -1.62 -2.05 12.08
N GLY A 19 -1.29 -2.50 13.26
CA GLY A 19 -0.26 -3.57 13.39
C GLY A 19 -0.61 -4.73 12.45
N LEU A 20 0.20 -5.75 12.42
CA LEU A 20 -0.08 -6.89 11.52
C LEU A 20 -0.45 -6.37 10.13
N ARG A 21 0.26 -5.38 9.66
CA ARG A 21 -0.05 -4.81 8.32
C ARG A 21 0.51 -5.69 7.21
N HIS A 22 -0.27 -5.95 6.20
CA HIS A 22 0.23 -6.79 5.07
C HIS A 22 0.66 -5.89 3.92
N LYS A 23 1.25 -4.76 4.22
CA LYS A 23 1.68 -3.82 3.15
C LYS A 23 2.93 -4.37 2.44
N ILE A 24 2.78 -4.81 1.22
CA ILE A 24 3.96 -5.33 0.47
C ILE A 24 4.80 -4.17 -0.06
N GLY A 25 4.23 -3.00 -0.12
CA GLY A 25 4.98 -1.82 -0.61
C GLY A 25 4.21 -0.55 -0.24
N THR A 26 4.65 0.59 -0.71
CA THR A 26 3.93 1.85 -0.37
C THR A 26 3.20 2.40 -1.60
N CYS A 27 1.91 2.30 -1.63
CA CYS A 27 1.15 2.82 -2.79
C CYS A 27 1.64 4.21 -3.16
N GLY A 28 1.48 5.15 -2.27
CA GLY A 28 1.95 6.53 -2.53
C GLY A 28 2.79 7.00 -1.35
N SER A 29 3.13 8.26 -1.31
CA SER A 29 3.93 8.77 -0.16
C SER A 29 3.01 9.16 0.99
N PRO A 30 1.92 9.80 0.67
CA PRO A 30 0.96 10.20 1.70
C PRO A 30 0.06 9.01 2.06
N PHE A 31 0.35 7.85 1.52
CA PHE A 31 -0.48 6.66 1.84
C PHE A 31 0.37 5.39 1.80
N LYS A 32 -0.19 4.30 2.24
CA LYS A 32 0.55 3.02 2.23
C LYS A 32 -0.36 1.92 1.67
N CYS A 33 0.21 0.88 1.13
CA CYS A 33 -0.64 -0.22 0.58
C CYS A 33 -0.94 -1.25 1.67
N CYS A 34 -2.20 -1.50 1.92
CA CYS A 34 -2.56 -2.48 2.97
C CYS A 34 -3.70 -3.37 2.49
N LYS A 35 -3.56 -4.66 2.63
CA LYS A 35 -4.65 -5.58 2.17
C LYS A 35 -5.39 -6.16 3.39
N ASN A 1 6.59 -1.96 -4.80
CA ASN A 1 6.34 -2.46 -6.19
C ASN A 1 6.56 -1.32 -7.19
N GLU A 2 7.78 -0.92 -7.38
CA GLU A 2 8.07 0.19 -8.34
C GLU A 2 7.72 -0.20 -9.78
N PRO A 3 8.03 -1.42 -10.16
CA PRO A 3 7.75 -1.87 -11.54
C PRO A 3 6.26 -2.15 -11.73
N VAL A 4 5.52 -2.29 -10.67
CA VAL A 4 4.06 -2.54 -10.81
C VAL A 4 3.29 -1.88 -9.67
N SER A 5 2.21 -1.23 -9.97
CA SER A 5 1.42 -0.55 -8.90
C SER A 5 0.89 -1.58 -7.90
N CYS A 6 0.75 -1.21 -6.66
CA CYS A 6 0.23 -2.16 -5.64
C CYS A 6 -1.25 -2.47 -5.89
N ILE A 7 -1.95 -1.55 -6.50
CA ILE A 7 -3.40 -1.79 -6.77
C ILE A 7 -3.59 -3.00 -7.68
N ARG A 8 -2.71 -3.19 -8.62
CA ARG A 8 -2.86 -4.37 -9.53
C ARG A 8 -2.98 -5.66 -8.72
N ASN A 9 -2.26 -5.77 -7.66
CA ASN A 9 -2.34 -7.01 -6.82
C ASN A 9 -3.72 -7.13 -6.18
N GLY A 10 -4.42 -6.03 -6.03
CA GLY A 10 -5.76 -6.07 -5.41
C GLY A 10 -5.72 -5.40 -4.04
N GLY A 11 -4.61 -4.80 -3.70
CA GLY A 11 -4.50 -4.13 -2.37
C GLY A 11 -4.95 -2.67 -2.50
N ILE A 12 -5.00 -1.96 -1.41
CA ILE A 12 -5.43 -0.53 -1.46
C ILE A 12 -4.40 0.35 -0.77
N CYS A 13 -4.54 1.64 -0.87
CA CYS A 13 -3.56 2.55 -0.20
C CYS A 13 -4.18 3.11 1.08
N GLN A 14 -3.36 3.35 2.07
CA GLN A 14 -3.87 3.91 3.35
C GLN A 14 -2.79 4.79 3.99
N TYR A 15 -3.18 5.74 4.78
CA TYR A 15 -2.17 6.64 5.42
C TYR A 15 -1.23 5.84 6.32
N ARG A 16 -1.76 4.91 7.06
CA ARG A 16 -0.89 4.10 7.96
C ARG A 16 -1.46 2.69 8.14
N CYS A 17 -0.60 1.70 8.20
CA CYS A 17 -1.10 0.29 8.38
C CYS A 17 -0.52 -0.30 9.67
N ILE A 18 -1.34 -0.81 10.53
CA ILE A 18 -0.82 -1.39 11.80
C ILE A 18 -1.65 -2.63 12.19
N GLY A 19 -1.18 -3.38 13.15
CA GLY A 19 -1.93 -4.60 13.58
C GLY A 19 -1.95 -5.62 12.44
N LEU A 20 -3.09 -6.21 12.19
CA LEU A 20 -3.18 -7.23 11.10
C LEU A 20 -2.81 -6.60 9.76
N ARG A 21 -3.12 -5.35 9.57
CA ARG A 21 -2.79 -4.68 8.28
C ARG A 21 -1.29 -4.43 8.18
N HIS A 22 -0.69 -4.77 7.06
CA HIS A 22 0.77 -4.56 6.88
C HIS A 22 1.04 -3.93 5.51
N LYS A 23 2.11 -3.19 5.39
CA LYS A 23 2.42 -2.56 4.07
C LYS A 23 3.64 -3.21 3.43
N ILE A 24 3.49 -3.69 2.22
CA ILE A 24 4.63 -4.33 1.51
C ILE A 24 5.20 -3.38 0.46
N GLY A 25 4.56 -2.26 0.27
CA GLY A 25 5.04 -1.27 -0.74
C GLY A 25 4.45 0.10 -0.41
N THR A 26 4.60 1.05 -1.29
CA THR A 26 4.03 2.40 -1.01
C THR A 26 3.16 2.87 -2.18
N CYS A 27 1.86 2.84 -2.01
CA CYS A 27 0.96 3.29 -3.11
C CYS A 27 1.25 4.77 -3.44
N GLY A 28 1.69 5.50 -2.46
CA GLY A 28 2.01 6.94 -2.67
C GLY A 28 2.76 7.46 -1.45
N SER A 29 2.84 8.75 -1.27
CA SER A 29 3.56 9.27 -0.07
C SER A 29 2.59 9.39 1.11
N PRO A 30 1.39 9.85 0.84
CA PRO A 30 0.40 9.97 1.91
C PRO A 30 -0.29 8.61 2.13
N PHE A 31 0.20 7.59 1.50
CA PHE A 31 -0.42 6.24 1.68
C PHE A 31 0.63 5.13 1.58
N LYS A 32 0.24 3.92 1.84
CA LYS A 32 1.19 2.76 1.75
C LYS A 32 0.50 1.59 1.05
N CYS A 33 1.26 0.66 0.53
CA CYS A 33 0.62 -0.51 -0.16
C CYS A 33 0.15 -1.53 0.87
N CYS A 34 -1.12 -1.61 1.12
CA CYS A 34 -1.64 -2.58 2.12
C CYS A 34 -2.80 -3.39 1.53
N LYS A 35 -2.94 -4.63 1.94
CA LYS A 35 -4.05 -5.47 1.41
C LYS A 35 -4.53 -6.44 2.48
N ASN A 1 5.15 -3.49 -10.67
CA ASN A 1 6.12 -4.38 -9.98
C ASN A 1 5.91 -4.32 -8.47
N GLU A 2 6.84 -4.84 -7.72
CA GLU A 2 6.71 -4.83 -6.23
C GLU A 2 6.96 -3.42 -5.66
N PRO A 3 7.95 -2.74 -6.19
CA PRO A 3 8.29 -1.39 -5.69
C PRO A 3 7.27 -0.33 -6.15
N VAL A 4 6.40 -0.69 -7.06
CA VAL A 4 5.39 0.32 -7.53
C VAL A 4 4.10 -0.38 -7.99
N SER A 5 3.08 0.39 -8.25
CA SER A 5 1.79 -0.21 -8.70
C SER A 5 1.33 -1.29 -7.72
N CYS A 6 1.53 -1.09 -6.45
CA CYS A 6 1.09 -2.11 -5.45
C CYS A 6 -0.43 -2.28 -5.51
N ILE A 7 -1.12 -1.29 -5.98
CA ILE A 7 -2.61 -1.40 -6.07
C ILE A 7 -3.00 -2.42 -7.14
N ARG A 8 -2.28 -2.49 -8.21
CA ARG A 8 -2.61 -3.46 -9.29
C ARG A 8 -2.64 -4.88 -8.72
N ASN A 9 -1.81 -5.17 -7.76
CA ASN A 9 -1.79 -6.55 -7.17
C ASN A 9 -3.16 -6.87 -6.59
N GLY A 10 -3.87 -5.87 -6.14
CA GLY A 10 -5.24 -6.12 -5.57
C GLY A 10 -5.31 -5.58 -4.14
N GLY A 11 -4.37 -4.77 -3.75
CA GLY A 11 -4.40 -4.22 -2.36
C GLY A 11 -4.91 -2.78 -2.42
N ILE A 12 -5.09 -2.16 -1.28
CA ILE A 12 -5.58 -0.75 -1.28
C ILE A 12 -4.54 0.17 -0.61
N CYS A 13 -4.71 1.45 -0.71
CA CYS A 13 -3.73 2.39 -0.08
C CYS A 13 -4.39 3.12 1.09
N GLN A 14 -3.60 3.54 2.06
CA GLN A 14 -4.16 4.27 3.22
C GLN A 14 -3.10 5.21 3.80
N TYR A 15 -3.51 6.26 4.47
CA TYR A 15 -2.52 7.21 5.04
C TYR A 15 -1.56 6.46 5.99
N ARG A 16 -2.07 5.51 6.72
CA ARG A 16 -1.20 4.75 7.66
C ARG A 16 -1.67 3.30 7.76
N CYS A 17 -0.79 2.41 8.15
CA CYS A 17 -1.20 0.97 8.26
C CYS A 17 -0.95 0.46 9.69
N ILE A 18 -1.68 -0.55 10.10
CA ILE A 18 -1.50 -1.08 11.48
C ILE A 18 -0.78 -2.43 11.42
N GLY A 19 -0.22 -2.87 12.52
CA GLY A 19 0.49 -4.17 12.53
C GLY A 19 -0.44 -5.28 12.06
N LEU A 20 -1.71 -5.14 12.28
CA LEU A 20 -2.68 -6.18 11.84
C LEU A 20 -2.69 -6.29 10.30
N ARG A 21 -2.53 -5.18 9.62
CA ARG A 21 -2.54 -5.22 8.13
C ARG A 21 -1.10 -5.36 7.59
N HIS A 22 -0.91 -6.19 6.61
CA HIS A 22 0.46 -6.36 6.04
C HIS A 22 0.75 -5.28 5.00
N LYS A 23 1.92 -4.68 5.06
CA LYS A 23 2.26 -3.61 4.08
C LYS A 23 3.12 -4.18 2.95
N ILE A 24 2.51 -4.50 1.84
CA ILE A 24 3.29 -5.07 0.69
C ILE A 24 4.25 -4.01 0.14
N GLY A 25 3.86 -2.77 0.17
CA GLY A 25 4.75 -1.69 -0.35
C GLY A 25 4.10 -0.33 -0.11
N THR A 26 4.62 0.70 -0.73
CA THR A 26 4.04 2.06 -0.53
C THR A 26 3.22 2.48 -1.75
N CYS A 27 1.92 2.43 -1.64
CA CYS A 27 1.06 2.84 -2.79
C CYS A 27 1.42 4.26 -3.23
N GLY A 28 1.60 5.13 -2.28
CA GLY A 28 1.95 6.53 -2.62
C GLY A 28 2.71 7.14 -1.44
N SER A 29 2.88 8.42 -1.41
CA SER A 29 3.62 9.05 -0.27
C SER A 29 2.65 9.38 0.86
N PRO A 30 1.51 9.90 0.51
CA PRO A 30 0.50 10.23 1.54
C PRO A 30 -0.29 8.99 1.92
N PHE A 31 0.11 7.84 1.43
CA PHE A 31 -0.63 6.60 1.78
C PHE A 31 0.31 5.38 1.72
N LYS A 32 -0.15 4.25 2.18
CA LYS A 32 0.71 3.03 2.14
C LYS A 32 -0.10 1.86 1.59
N CYS A 33 0.57 0.87 1.06
CA CYS A 33 -0.17 -0.30 0.50
C CYS A 33 -0.49 -1.30 1.62
N CYS A 34 -1.75 -1.60 1.81
CA CYS A 34 -2.12 -2.56 2.88
C CYS A 34 -3.13 -3.58 2.35
N LYS A 35 -2.92 -4.84 2.60
CA LYS A 35 -3.86 -5.87 2.11
C LYS A 35 -4.26 -6.81 3.25
N ASN A 1 6.61 3.69 -9.10
CA ASN A 1 6.35 3.59 -10.57
C ASN A 1 4.91 4.04 -10.87
N GLU A 2 4.76 5.03 -11.71
CA GLU A 2 3.39 5.53 -12.05
C GLU A 2 2.60 4.52 -12.90
N PRO A 3 3.28 3.83 -13.79
CA PRO A 3 2.57 2.86 -14.67
C PRO A 3 2.18 1.60 -13.89
N VAL A 4 2.65 1.45 -12.68
CA VAL A 4 2.29 0.24 -11.89
C VAL A 4 2.06 0.62 -10.42
N SER A 5 1.20 -0.08 -9.75
CA SER A 5 0.92 0.24 -8.32
C SER A 5 0.42 -1.00 -7.58
N CYS A 6 0.52 -1.01 -6.28
CA CYS A 6 0.05 -2.19 -5.51
C CYS A 6 -1.45 -2.43 -5.74
N ILE A 7 -2.21 -1.38 -5.88
CA ILE A 7 -3.68 -1.55 -6.10
C ILE A 7 -3.93 -2.38 -7.36
N ARG A 8 -2.94 -2.51 -8.21
CA ARG A 8 -3.12 -3.31 -9.45
C ARG A 8 -3.33 -4.78 -9.11
N ASN A 9 -2.70 -5.26 -8.08
CA ASN A 9 -2.87 -6.69 -7.69
C ASN A 9 -4.12 -6.86 -6.83
N GLY A 10 -4.87 -5.82 -6.63
CA GLY A 10 -6.10 -5.92 -5.80
C GLY A 10 -5.83 -5.34 -4.40
N GLY A 11 -4.61 -4.96 -4.14
CA GLY A 11 -4.28 -4.39 -2.80
C GLY A 11 -4.87 -2.98 -2.68
N ILE A 12 -4.75 -2.37 -1.54
CA ILE A 12 -5.30 -1.00 -1.37
C ILE A 12 -4.25 -0.08 -0.74
N CYS A 13 -4.54 1.19 -0.63
CA CYS A 13 -3.55 2.12 -0.02
C CYS A 13 -4.19 2.91 1.11
N GLN A 14 -3.41 3.29 2.08
CA GLN A 14 -3.93 4.08 3.22
C GLN A 14 -2.79 4.88 3.86
N TYR A 15 -3.10 6.00 4.46
CA TYR A 15 -2.02 6.82 5.09
C TYR A 15 -1.25 5.99 6.12
N ARG A 16 -1.92 5.07 6.76
CA ARG A 16 -1.22 4.23 7.78
C ARG A 16 -1.89 2.84 7.88
N CYS A 17 -1.14 1.84 8.23
CA CYS A 17 -1.73 0.48 8.35
C CYS A 17 -1.54 -0.07 9.75
N ILE A 18 -2.61 -0.48 10.40
CA ILE A 18 -2.48 -1.03 11.77
C ILE A 18 -1.61 -2.29 11.78
N GLY A 19 -1.18 -2.73 12.92
CA GLY A 19 -0.33 -3.96 12.97
C GLY A 19 -1.03 -5.09 12.22
N LEU A 20 -2.33 -5.23 12.41
CA LEU A 20 -3.07 -6.31 11.71
C LEU A 20 -2.79 -6.27 10.20
N ARG A 21 -2.49 -5.11 9.69
CA ARG A 21 -2.22 -5.00 8.23
C ARG A 21 -0.79 -4.52 7.99
N HIS A 22 0.01 -5.30 7.33
CA HIS A 22 1.42 -4.89 7.06
C HIS A 22 1.53 -4.32 5.64
N LYS A 23 2.37 -3.33 5.46
CA LYS A 23 2.50 -2.74 4.09
C LYS A 23 3.74 -3.29 3.39
N ILE A 24 3.54 -4.14 2.41
CA ILE A 24 4.70 -4.71 1.67
C ILE A 24 5.46 -3.60 0.92
N GLY A 25 4.75 -2.63 0.42
CA GLY A 25 5.40 -1.53 -0.31
C GLY A 25 4.72 -0.20 0.01
N THR A 26 4.93 0.79 -0.79
CA THR A 26 4.29 2.11 -0.54
C THR A 26 3.45 2.54 -1.74
N CYS A 27 2.15 2.50 -1.61
CA CYS A 27 1.28 2.92 -2.76
C CYS A 27 1.60 4.35 -3.16
N GLY A 28 1.98 5.16 -2.21
CA GLY A 28 2.32 6.58 -2.52
C GLY A 28 2.90 7.22 -1.27
N SER A 29 2.87 8.52 -1.18
CA SER A 29 3.43 9.19 0.03
C SER A 29 2.35 9.32 1.10
N PRO A 30 1.18 9.70 0.70
CA PRO A 30 0.07 9.84 1.66
C PRO A 30 -0.59 8.47 1.87
N PHE A 31 0.02 7.42 1.38
CA PHE A 31 -0.58 6.07 1.56
C PHE A 31 0.50 4.99 1.53
N LYS A 32 0.14 3.78 1.85
CA LYS A 32 1.12 2.65 1.82
C LYS A 32 0.48 1.45 1.12
N CYS A 33 1.27 0.52 0.68
CA CYS A 33 0.69 -0.68 -0.01
C CYS A 33 0.18 -1.67 1.03
N CYS A 34 -1.10 -1.69 1.28
CA CYS A 34 -1.65 -2.66 2.28
C CYS A 34 -2.82 -3.43 1.70
N LYS A 35 -3.14 -4.58 2.25
CA LYS A 35 -4.28 -5.38 1.72
C LYS A 35 -5.56 -5.03 2.49
#